data_8GU0
#
_entry.id   8GU0
#
_cell.length_a   135.174
_cell.length_b   135.174
_cell.length_c   52.693
_cell.angle_alpha   90.000
_cell.angle_beta   90.000
_cell.angle_gamma   90.000
#
_symmetry.space_group_name_H-M   'P 4'
#
loop_
_entity.id
_entity.type
_entity.pdbx_description
1 polymer 'Non-heme halogenase radH'
2 non-polymer 'FLAVIN-ADENINE DINUCLEOTIDE'
3 non-polymer 'TETRAETHYLENE GLYCOL'
4 non-polymer 'CHLORIDE ION'
5 water water
#
_entity_poly.entity_id   1
_entity_poly.type   'polypeptide(L)'
_entity_poly.pdbx_seq_one_letter_code
;MSIPKSCEVLVAGGGPAGSYAASALAREGVDVVLLEADKHPRYHIGESMLPSIRPLLRFIDLEETFEKHGFQKKLGAAFK
LTAKREGYTDFVAAHGPNGYSWNVVRSESDELLFKHAAKSGALTFQGVKVDSLEFEPYDSDFPSGGKVANPGRPVAARWS
AKDGRSGTISFQYLVDATGRAGITSTKYLKNRKFNEGLKNLAIWGYYKGARPWAEGTPRENQPYFEGMRDGAGWCWTIPL
HNGTVSVGAVLRSDLFFAKKKSLGEDVTNAMIMAECMKLCPTIKELLEPAELVSDIKQATDYSYSASAYAGPYFRIVGDA
GCFIDPFFSSGHHLAMAGALAAAVSIRASMKGDCSEYEASNWHARKVDEGYTLFLLVVMAALKQIRMQEEPVLSDIDDDG
FDRAFQFLKPVIQGSGSAEIVKRFTKKEVSEAIDFAVLALDNMAGAGEHANETNGSNGTGETNGDAKTLENITVEDEKVL
SGIRILAKVAPSADMKDLEGTAIDGFMPRLEHGHLGLNRV
;
_entity_poly.pdbx_strand_id   A,B
#
# COMPACT_ATOMS: atom_id res chain seq x y z
N MET A 1 10.13 37.73 -33.37
CA MET A 1 8.78 37.64 -32.81
C MET A 1 8.69 38.44 -31.52
N SER A 2 7.49 38.90 -31.17
CA SER A 2 7.29 39.71 -29.99
C SER A 2 5.94 39.36 -29.36
N ILE A 3 5.68 39.96 -28.20
CA ILE A 3 4.43 39.72 -27.46
C ILE A 3 3.25 40.28 -28.27
N PRO A 4 2.19 39.50 -28.48
CA PRO A 4 1.03 40.00 -29.21
C PRO A 4 0.19 40.93 -28.34
N LYS A 5 -0.62 41.75 -29.03
CA LYS A 5 -1.50 42.69 -28.35
C LYS A 5 -2.74 42.04 -27.76
N SER A 6 -3.15 40.88 -28.30
CA SER A 6 -4.37 40.22 -27.86
C SER A 6 -4.18 38.72 -27.86
N CYS A 7 -4.82 38.06 -26.89
CA CYS A 7 -4.84 36.60 -26.81
C CYS A 7 -6.11 36.18 -26.10
N GLU A 8 -6.34 34.87 -26.05
CA GLU A 8 -7.53 34.36 -25.39
C GLU A 8 -7.33 34.28 -23.88
N VAL A 9 -6.23 33.69 -23.44
CA VAL A 9 -5.90 33.53 -22.03
C VAL A 9 -4.46 33.98 -21.82
N LEU A 10 -4.24 34.83 -20.82
CA LEU A 10 -2.91 35.21 -20.39
C LEU A 10 -2.56 34.50 -19.09
N VAL A 11 -1.45 33.77 -19.09
CA VAL A 11 -0.95 33.09 -17.91
C VAL A 11 0.27 33.85 -17.40
N ALA A 12 0.16 34.36 -16.18
CA ALA A 12 1.22 35.15 -15.56
C ALA A 12 2.07 34.24 -14.69
N GLY A 13 3.36 34.13 -15.04
CA GLY A 13 4.27 33.28 -14.30
C GLY A 13 4.41 31.90 -14.91
N GLY A 14 5.60 31.58 -15.40
CA GLY A 14 5.85 30.30 -16.03
C GLY A 14 6.46 29.25 -15.11
N GLY A 15 5.97 29.18 -13.88
CA GLY A 15 6.29 28.08 -13.00
C GLY A 15 5.45 26.87 -13.32
N PRO A 16 5.51 25.83 -12.48
CA PRO A 16 4.71 24.63 -12.73
C PRO A 16 3.23 24.91 -12.93
N ALA A 17 2.63 25.74 -12.08
CA ALA A 17 1.21 26.03 -12.23
C ALA A 17 0.93 26.84 -13.49
N GLY A 18 1.88 27.66 -13.92
CA GLY A 18 1.72 28.42 -15.14
C GLY A 18 1.90 27.57 -16.38
N SER A 19 3.01 26.83 -16.45
CA SER A 19 3.29 26.00 -17.61
C SER A 19 2.25 24.90 -17.76
N TYR A 20 1.76 24.34 -16.65
CA TYR A 20 0.73 23.31 -16.73
C TYR A 20 -0.57 23.88 -17.26
N ALA A 21 -0.98 25.04 -16.74
CA ALA A 21 -2.22 25.67 -17.22
C ALA A 21 -2.08 26.11 -18.67
N ALA A 22 -0.91 26.59 -19.06
CA ALA A 22 -0.68 26.96 -20.45
C ALA A 22 -0.77 25.75 -21.37
N SER A 23 -0.14 24.64 -20.97
CA SER A 23 -0.18 23.42 -21.78
C SER A 23 -1.61 22.88 -21.89
N ALA A 24 -2.30 22.78 -20.76
CA ALA A 24 -3.66 22.22 -20.77
C ALA A 24 -4.61 23.07 -21.60
N LEU A 25 -4.41 24.40 -21.61
CA LEU A 25 -5.25 25.25 -22.45
C LEU A 25 -4.82 25.24 -23.90
N ALA A 26 -3.51 25.30 -24.16
CA ALA A 26 -3.04 25.31 -25.55
C ALA A 26 -3.30 23.98 -26.25
N ARG A 27 -3.26 22.87 -25.51
CA ARG A 27 -3.57 21.57 -26.09
C ARG A 27 -5.05 21.47 -26.47
N GLU A 28 -5.89 22.37 -25.98
CA GLU A 28 -7.27 22.47 -26.42
C GLU A 28 -7.44 23.43 -27.59
N GLY A 29 -6.37 24.07 -28.05
CA GLY A 29 -6.42 24.98 -29.17
C GLY A 29 -6.50 26.45 -28.80
N VAL A 30 -6.49 26.77 -27.50
CA VAL A 30 -6.62 28.16 -27.06
C VAL A 30 -5.37 28.95 -27.41
N ASP A 31 -5.55 30.20 -27.83
CA ASP A 31 -4.46 31.13 -28.08
C ASP A 31 -3.94 31.63 -26.74
N VAL A 32 -2.99 30.90 -26.17
CA VAL A 32 -2.46 31.18 -24.84
C VAL A 32 -1.13 31.91 -24.97
N VAL A 33 -0.95 32.95 -24.14
CA VAL A 33 0.32 33.64 -24.00
C VAL A 33 0.80 33.45 -22.58
N LEU A 34 2.06 33.05 -22.42
CA LEU A 34 2.64 32.75 -21.11
C LEU A 34 3.82 33.70 -20.90
N LEU A 35 3.76 34.49 -19.83
CA LEU A 35 4.78 35.47 -19.51
C LEU A 35 5.46 35.08 -18.21
N GLU A 36 6.79 35.04 -18.24
CA GLU A 36 7.58 34.65 -17.08
C GLU A 36 8.68 35.68 -16.87
N ALA A 37 8.80 36.18 -15.64
CA ALA A 37 9.75 37.23 -15.32
C ALA A 37 11.18 36.73 -15.17
N ASP A 38 11.38 35.47 -14.86
CA ASP A 38 12.71 34.88 -14.74
C ASP A 38 13.02 34.11 -16.01
N LYS A 39 14.30 33.99 -16.33
CA LYS A 39 14.74 33.19 -17.47
C LYS A 39 15.17 31.81 -17.01
N HIS A 40 14.54 30.77 -17.55
CA HIS A 40 14.91 29.40 -17.26
C HIS A 40 16.18 29.01 -18.01
N PRO A 41 16.96 28.06 -17.48
CA PRO A 41 16.77 27.43 -16.16
C PRO A 41 17.28 28.30 -15.01
N ARG A 42 16.54 28.32 -13.91
CA ARG A 42 16.90 29.11 -12.74
C ARG A 42 16.58 28.33 -11.48
N TYR A 43 17.37 28.57 -10.43
CA TYR A 43 17.20 27.81 -9.19
C TYR A 43 15.87 28.14 -8.52
N HIS A 44 15.24 27.11 -7.97
CA HIS A 44 14.04 27.25 -7.14
C HIS A 44 13.97 26.05 -6.22
N ILE A 45 13.52 26.30 -4.99
CA ILE A 45 13.37 25.26 -3.93
C ILE A 45 12.22 24.32 -4.31
N GLY A 46 11.99 23.27 -3.50
CA GLY A 46 10.93 22.28 -3.76
C GLY A 46 11.45 21.17 -4.66
N GLU A 47 11.95 20.09 -4.07
CA GLU A 47 12.53 18.97 -4.86
C GLU A 47 11.77 17.67 -4.60
N SER A 48 10.97 17.59 -3.54
CA SER A 48 10.26 16.34 -3.29
C SER A 48 8.85 16.41 -3.87
N MET A 49 8.48 15.37 -4.60
CA MET A 49 7.20 15.31 -5.30
C MET A 49 6.31 14.24 -4.65
N LEU A 50 5.09 14.14 -5.16
CA LEU A 50 4.10 13.16 -4.77
C LEU A 50 3.80 12.22 -5.93
N PRO A 51 3.26 11.03 -5.67
CA PRO A 51 2.89 10.14 -6.77
C PRO A 51 1.73 10.65 -7.61
N SER A 52 1.00 11.64 -7.14
CA SER A 52 -0.02 12.30 -7.94
C SER A 52 0.57 13.08 -9.11
N ILE A 53 1.88 13.28 -9.14
CA ILE A 53 2.51 13.99 -10.24
C ILE A 53 2.31 13.25 -11.56
N ARG A 54 2.25 11.92 -11.52
CA ARG A 54 2.16 11.16 -12.77
C ARG A 54 0.80 11.32 -13.44
N PRO A 55 -0.34 11.11 -12.78
CA PRO A 55 -1.62 11.37 -13.45
C PRO A 55 -1.74 12.80 -13.94
N LEU A 56 -1.17 13.77 -13.23
CA LEU A 56 -1.20 15.15 -13.70
C LEU A 56 -0.34 15.33 -14.93
N LEU A 57 0.90 14.84 -14.89
CA LEU A 57 1.77 14.96 -16.06
C LEU A 57 1.26 14.15 -17.24
N ARG A 58 0.55 13.05 -16.97
CA ARG A 58 0.04 12.22 -18.07
C ARG A 58 -1.06 12.95 -18.84
N PHE A 59 -1.89 13.73 -18.16
CA PHE A 59 -2.97 14.43 -18.85
C PHE A 59 -2.42 15.38 -19.92
N ILE A 60 -1.24 15.96 -19.67
CA ILE A 60 -0.60 16.84 -20.64
C ILE A 60 0.50 16.13 -21.42
N ASP A 61 0.60 14.80 -21.28
CA ASP A 61 1.55 13.98 -22.04
C ASP A 61 2.98 14.42 -21.81
N LEU A 62 3.31 14.72 -20.54
CA LEU A 62 4.67 15.08 -20.16
C LEU A 62 5.36 14.02 -19.32
N GLU A 63 4.64 12.96 -18.94
CA GLU A 63 5.21 11.94 -18.06
C GLU A 63 6.47 11.33 -18.66
N GLU A 64 6.43 10.98 -19.95
CA GLU A 64 7.56 10.28 -20.56
C GLU A 64 8.77 11.19 -20.68
N THR A 65 8.58 12.49 -20.87
CA THR A 65 9.71 13.41 -20.91
C THR A 65 10.37 13.52 -19.55
N PHE A 66 9.57 13.56 -18.48
CA PHE A 66 10.14 13.54 -17.13
C PHE A 66 10.82 12.22 -16.83
N GLU A 67 10.24 11.11 -17.29
CA GLU A 67 10.87 9.81 -17.08
C GLU A 67 12.21 9.73 -17.81
N LYS A 68 12.29 10.27 -19.02
CA LYS A 68 13.53 10.21 -19.79
C LYS A 68 14.61 11.11 -19.23
N HIS A 69 14.27 12.07 -18.37
CA HIS A 69 15.28 12.97 -17.84
C HIS A 69 16.14 12.29 -16.78
N GLY A 70 15.56 11.38 -16.01
CA GLY A 70 16.34 10.61 -15.05
C GLY A 70 16.43 11.24 -13.67
N PHE A 71 15.33 11.81 -13.18
CA PHE A 71 15.28 12.26 -11.79
C PHE A 71 15.37 11.08 -10.85
N GLN A 72 15.85 11.34 -9.63
CA GLN A 72 15.88 10.31 -8.60
C GLN A 72 14.46 9.86 -8.29
N LYS A 73 14.18 8.57 -8.51
CA LYS A 73 12.85 8.06 -8.24
C LYS A 73 12.61 7.98 -6.74
N LYS A 74 11.40 8.34 -6.32
CA LYS A 74 11.00 8.35 -4.92
C LYS A 74 9.91 7.32 -4.71
N LEU A 75 10.23 6.27 -3.94
CA LEU A 75 9.27 5.23 -3.61
C LEU A 75 8.45 5.55 -2.37
N GLY A 76 8.83 6.57 -1.61
CA GLY A 76 8.10 6.92 -0.41
C GLY A 76 8.84 7.99 0.37
N ALA A 77 8.36 8.22 1.59
CA ALA A 77 8.96 9.22 2.47
C ALA A 77 8.78 8.78 3.92
N ALA A 78 9.76 9.13 4.75
CA ALA A 78 9.76 8.79 6.16
C ALA A 78 9.56 10.06 6.99
N PHE A 79 8.80 9.95 8.07
CA PHE A 79 8.44 11.09 8.91
C PHE A 79 8.61 10.69 10.38
N LYS A 80 9.76 11.03 10.97
CA LYS A 80 10.01 10.77 12.38
C LYS A 80 9.59 11.99 13.20
N LEU A 81 8.31 12.06 13.52
CA LEU A 81 7.77 13.23 14.20
C LEU A 81 8.40 13.40 15.58
N THR A 82 8.58 12.30 16.31
CA THR A 82 9.15 12.34 17.65
C THR A 82 10.20 11.24 17.76
N ALA A 83 10.74 11.05 18.97
CA ALA A 83 11.75 10.04 19.20
C ALA A 83 11.26 8.62 18.89
N LYS A 84 9.95 8.42 18.78
CA LYS A 84 9.39 7.12 18.43
C LYS A 84 9.80 6.71 17.01
N ARG A 85 9.48 5.46 16.67
CA ARG A 85 9.80 4.95 15.35
C ARG A 85 9.15 5.78 14.26
N GLU A 86 9.85 5.87 13.12
CA GLU A 86 9.40 6.71 12.03
C GLU A 86 8.04 6.24 11.51
N GLY A 87 7.28 7.20 10.98
CA GLY A 87 6.17 6.89 10.11
C GLY A 87 6.62 6.94 8.66
N TYR A 88 6.03 6.09 7.82
CA TYR A 88 6.46 5.96 6.45
C TYR A 88 5.24 5.87 5.54
N THR A 89 5.27 6.62 4.45
CA THR A 89 4.26 6.52 3.40
C THR A 89 4.89 5.84 2.20
N ASP A 90 4.19 4.85 1.65
CA ASP A 90 4.71 4.03 0.57
C ASP A 90 3.97 4.37 -0.72
N PHE A 91 4.71 4.87 -1.71
CA PHE A 91 4.12 5.19 -3.01
C PHE A 91 3.93 3.94 -3.85
N VAL A 92 4.98 3.11 -3.95
CA VAL A 92 4.94 1.92 -4.78
C VAL A 92 3.95 0.89 -4.26
N ALA A 93 3.65 0.91 -2.97
CA ALA A 93 2.62 0.01 -2.45
C ALA A 93 1.24 0.38 -3.01
N ALA A 94 0.94 1.67 -3.08
CA ALA A 94 -0.36 2.11 -3.57
C ALA A 94 -0.43 2.14 -5.09
N HIS A 95 0.60 2.69 -5.74
CA HIS A 95 0.56 2.95 -7.18
C HIS A 95 1.35 1.93 -8.00
N GLY A 96 1.94 0.93 -7.39
CA GLY A 96 2.67 -0.08 -8.13
C GLY A 96 4.11 0.31 -8.38
N PRO A 97 4.90 -0.63 -8.94
CA PRO A 97 6.32 -0.34 -9.19
C PRO A 97 6.58 0.75 -10.22
N ASN A 98 5.59 1.06 -11.07
CA ASN A 98 5.70 2.17 -12.02
C ASN A 98 5.05 3.44 -11.50
N GLY A 99 4.62 3.46 -10.24
CA GLY A 99 3.90 4.60 -9.71
C GLY A 99 4.70 5.45 -8.74
N TYR A 100 6.02 5.25 -8.73
CA TYR A 100 6.90 6.07 -7.92
C TYR A 100 6.88 7.52 -8.39
N SER A 101 7.27 8.41 -7.50
CA SER A 101 7.42 9.82 -7.83
C SER A 101 8.91 10.14 -8.00
N TRP A 102 9.28 11.41 -7.84
CA TRP A 102 10.67 11.81 -8.03
C TRP A 102 11.07 12.85 -7.00
N ASN A 103 12.37 12.92 -6.75
CA ASN A 103 13.01 14.09 -6.17
C ASN A 103 13.72 14.83 -7.30
N VAL A 104 13.43 16.13 -7.42
CA VAL A 104 13.60 16.84 -8.68
C VAL A 104 14.48 18.06 -8.48
N VAL A 105 15.52 18.17 -9.31
CA VAL A 105 16.25 19.42 -9.46
C VAL A 105 15.32 20.40 -10.17
N ARG A 106 14.80 21.38 -9.43
CA ARG A 106 13.72 22.23 -9.94
C ARG A 106 14.16 23.15 -11.07
N SER A 107 15.45 23.47 -11.17
CA SER A 107 15.92 24.27 -12.28
C SER A 107 15.65 23.60 -13.62
N GLU A 108 15.61 22.27 -13.63
CA GLU A 108 15.48 21.49 -14.86
C GLU A 108 14.04 21.10 -15.17
N SER A 109 13.24 20.78 -14.15
CA SER A 109 11.85 20.41 -14.40
C SER A 109 11.01 21.63 -14.80
N ASP A 110 11.26 22.78 -14.16
CA ASP A 110 10.53 23.98 -14.53
C ASP A 110 10.83 24.39 -15.96
N GLU A 111 12.04 24.11 -16.44
CA GLU A 111 12.36 24.34 -17.84
C GLU A 111 11.63 23.35 -18.73
N LEU A 112 11.63 22.06 -18.35
CA LEU A 112 10.90 21.05 -19.11
C LEU A 112 9.42 21.41 -19.21
N LEU A 113 8.82 21.81 -18.08
CA LEU A 113 7.42 22.24 -18.10
C LEU A 113 7.25 23.49 -18.97
N PHE A 114 8.17 24.44 -18.87
CA PHE A 114 8.04 25.68 -19.61
C PHE A 114 8.18 25.43 -21.12
N LYS A 115 9.14 24.61 -21.51
CA LYS A 115 9.31 24.27 -22.92
C LYS A 115 8.18 23.38 -23.42
N HIS A 116 7.62 22.54 -22.55
CA HIS A 116 6.46 21.74 -22.95
C HIS A 116 5.27 22.63 -23.28
N ALA A 117 5.15 23.77 -22.59
CA ALA A 117 4.07 24.72 -22.92
C ALA A 117 4.24 25.27 -24.32
N ALA A 118 5.48 25.51 -24.74
CA ALA A 118 5.71 25.99 -26.10
C ALA A 118 5.36 24.92 -27.12
N LYS A 119 5.79 23.68 -26.88
CA LYS A 119 5.43 22.58 -27.78
C LYS A 119 3.94 22.28 -27.74
N SER A 120 3.25 22.62 -26.65
CA SER A 120 1.80 22.49 -26.60
C SER A 120 1.08 23.57 -27.41
N GLY A 121 1.80 24.58 -27.88
CA GLY A 121 1.22 25.64 -28.67
C GLY A 121 0.99 26.96 -27.96
N ALA A 122 1.50 27.13 -26.75
CA ALA A 122 1.43 28.42 -26.08
C ALA A 122 2.57 29.32 -26.51
N LEU A 123 2.29 30.62 -26.58
CA LEU A 123 3.31 31.62 -26.85
C LEU A 123 4.05 31.93 -25.55
N THR A 124 5.29 31.47 -25.45
CA THR A 124 6.07 31.57 -24.21
C THR A 124 7.12 32.66 -24.37
N PHE A 125 7.22 33.52 -23.36
CA PHE A 125 8.20 34.60 -23.33
C PHE A 125 8.85 34.64 -21.96
N GLN A 126 10.17 34.85 -21.95
CA GLN A 126 10.96 34.84 -20.72
C GLN A 126 11.53 36.23 -20.48
N GLY A 127 11.74 36.55 -19.21
CA GLY A 127 12.19 37.89 -18.85
C GLY A 127 11.14 38.96 -19.00
N VAL A 128 9.87 38.58 -19.07
CA VAL A 128 8.76 39.50 -19.27
C VAL A 128 7.97 39.56 -17.97
N LYS A 129 7.87 40.75 -17.40
CA LYS A 129 7.28 40.96 -16.08
C LYS A 129 5.92 41.64 -16.21
N VAL A 130 4.89 41.01 -15.65
CA VAL A 130 3.57 41.62 -15.57
C VAL A 130 3.60 42.65 -14.44
N ASP A 131 3.62 43.93 -14.81
CA ASP A 131 3.74 44.98 -13.79
C ASP A 131 2.41 45.30 -13.14
N SER A 132 1.33 45.33 -13.91
CA SER A 132 0.04 45.71 -13.37
C SER A 132 -1.07 45.08 -14.20
N LEU A 133 -2.26 45.02 -13.61
CA LEU A 133 -3.44 44.45 -14.22
C LEU A 133 -4.55 45.49 -14.27
N GLU A 134 -5.30 45.50 -15.37
CA GLU A 134 -6.37 46.47 -15.58
C GLU A 134 -7.71 45.75 -15.35
N PHE A 135 -8.31 45.99 -14.19
CA PHE A 135 -9.60 45.40 -13.84
C PHE A 135 -10.69 46.36 -14.26
N GLU A 136 -11.48 45.99 -15.27
CA GLU A 136 -12.62 46.80 -15.63
C GLU A 136 -13.78 46.52 -14.68
N PRO A 137 -14.65 47.51 -14.46
CA PRO A 137 -15.81 47.28 -13.59
C PRO A 137 -16.75 46.25 -14.19
N TYR A 138 -17.05 45.21 -13.41
CA TYR A 138 -18.01 44.18 -13.77
C TYR A 138 -19.19 44.27 -12.82
N ASP A 139 -20.03 45.27 -13.05
CA ASP A 139 -21.19 45.54 -12.19
C ASP A 139 -22.38 44.64 -12.50
N SER A 140 -22.13 43.54 -13.22
CA SER A 140 -23.20 42.61 -13.66
C SER A 140 -23.57 41.61 -12.56
N ASP A 141 -24.41 40.63 -12.92
CA ASP A 141 -24.89 39.58 -11.98
C ASP A 141 -23.73 38.67 -11.57
N PHE A 142 -22.85 39.17 -10.71
CA PHE A 142 -21.69 38.41 -10.23
C PHE A 142 -21.34 38.90 -8.83
N PRO A 143 -21.98 38.36 -7.81
CA PRO A 143 -21.76 38.78 -6.43
C PRO A 143 -20.47 38.16 -5.90
N SER A 144 -20.07 38.56 -4.71
CA SER A 144 -18.88 38.04 -4.05
C SER A 144 -19.29 37.18 -2.86
N GLY A 145 -18.41 36.25 -2.49
CA GLY A 145 -18.59 35.44 -1.30
C GLY A 145 -18.66 33.98 -1.67
N GLY A 146 -17.99 33.11 -0.93
CA GLY A 146 -17.94 31.71 -1.25
C GLY A 146 -16.61 31.24 -1.81
N LYS A 147 -15.53 32.00 -1.54
CA LYS A 147 -14.20 31.83 -2.14
C LYS A 147 -14.13 32.43 -3.53
N VAL A 148 -15.12 33.24 -3.90
CA VAL A 148 -15.09 34.03 -5.13
C VAL A 148 -15.26 35.50 -4.77
N ALA A 149 -14.62 36.36 -5.55
CA ALA A 149 -14.68 37.80 -5.33
C ALA A 149 -14.87 38.50 -6.67
N ASN A 150 -15.35 39.74 -6.61
CA ASN A 150 -15.61 40.55 -7.79
C ASN A 150 -14.87 41.88 -7.66
N PRO A 151 -13.56 41.90 -7.96
CA PRO A 151 -12.86 43.19 -8.06
C PRO A 151 -13.03 43.80 -9.43
N GLY A 152 -14.00 43.29 -10.18
CA GLY A 152 -14.13 43.57 -11.60
C GLY A 152 -13.49 42.47 -12.42
N ARG A 153 -13.47 42.70 -13.73
CA ARG A 153 -12.90 41.73 -14.66
C ARG A 153 -11.57 42.23 -15.17
N PRO A 154 -10.48 41.48 -15.01
CA PRO A 154 -9.21 41.86 -15.63
C PRO A 154 -9.26 41.61 -17.13
N VAL A 155 -8.82 42.60 -17.89
CA VAL A 155 -8.93 42.54 -19.35
C VAL A 155 -7.64 42.91 -20.05
N ALA A 156 -6.70 43.53 -19.35
CA ALA A 156 -5.43 43.90 -19.93
C ALA A 156 -4.35 43.84 -18.87
N ALA A 157 -3.11 43.63 -19.31
CA ALA A 157 -1.96 43.58 -18.42
C ALA A 157 -0.82 44.40 -19.00
N ARG A 158 -0.22 45.24 -18.16
CA ARG A 158 0.98 45.97 -18.54
C ARG A 158 2.19 45.12 -18.23
N TRP A 159 3.16 45.13 -19.15
CA TRP A 159 4.33 44.27 -19.03
C TRP A 159 5.58 45.05 -19.41
N SER A 160 6.70 44.57 -18.88
CA SER A 160 8.01 45.14 -19.15
C SER A 160 8.99 44.01 -19.43
N ALA A 161 10.03 44.33 -20.20
CA ALA A 161 11.06 43.38 -20.57
C ALA A 161 12.42 43.88 -20.09
N LYS A 162 13.33 42.93 -19.84
CA LYS A 162 14.62 43.26 -19.27
C LYS A 162 15.48 44.12 -20.19
N ASP A 163 15.21 44.12 -21.50
CA ASP A 163 15.89 45.01 -22.42
C ASP A 163 15.33 46.41 -22.45
N GLY A 164 14.21 46.67 -21.77
CA GLY A 164 13.60 47.98 -21.72
C GLY A 164 12.28 48.07 -22.44
N ARG A 165 11.94 47.08 -23.26
CA ARG A 165 10.66 47.07 -23.97
C ARG A 165 9.50 46.91 -23.00
N SER A 166 8.34 47.44 -23.41
CA SER A 166 7.14 47.40 -22.59
C SER A 166 5.92 47.52 -23.49
N GLY A 167 4.78 47.10 -22.96
CA GLY A 167 3.54 47.16 -23.72
C GLY A 167 2.39 46.64 -22.91
N THR A 168 1.28 46.38 -23.61
CA THR A 168 0.05 45.90 -22.99
C THR A 168 -0.56 44.80 -23.85
N ILE A 169 -1.12 43.78 -23.21
CA ILE A 169 -1.74 42.66 -23.90
C ILE A 169 -3.15 42.48 -23.36
N SER A 170 -4.11 42.31 -24.27
CA SER A 170 -5.50 42.05 -23.90
C SER A 170 -5.77 40.54 -23.86
N PHE A 171 -6.73 40.16 -23.03
CA PHE A 171 -7.07 38.75 -22.85
C PHE A 171 -8.51 38.63 -22.38
N GLN A 172 -9.09 37.46 -22.60
CA GLN A 172 -10.44 37.16 -22.13
C GLN A 172 -10.44 36.50 -20.76
N TYR A 173 -9.42 35.71 -20.45
CA TYR A 173 -9.26 35.09 -19.15
C TYR A 173 -7.84 35.31 -18.65
N LEU A 174 -7.69 35.38 -17.33
CA LEU A 174 -6.38 35.50 -16.70
C LEU A 174 -6.11 34.29 -15.81
N VAL A 175 -4.89 33.77 -15.89
CA VAL A 175 -4.42 32.75 -14.96
C VAL A 175 -3.28 33.38 -14.16
N ASP A 176 -3.50 33.57 -12.86
CA ASP A 176 -2.48 34.10 -11.97
C ASP A 176 -1.69 32.93 -11.39
N ALA A 177 -0.50 32.68 -11.96
CA ALA A 177 0.43 31.71 -11.42
C ALA A 177 1.72 32.40 -10.97
N THR A 178 1.62 33.67 -10.57
CA THR A 178 2.82 34.46 -10.28
C THR A 178 3.62 33.89 -9.12
N GLY A 179 2.95 33.23 -8.17
CA GLY A 179 3.65 32.61 -7.07
C GLY A 179 3.50 33.34 -5.76
N ARG A 180 4.55 33.31 -4.94
CA ARG A 180 4.52 34.01 -3.66
C ARG A 180 4.22 35.50 -3.83
N ALA A 181 4.65 36.09 -4.96
CA ALA A 181 4.34 37.49 -5.21
C ALA A 181 2.84 37.73 -5.26
N GLY A 182 2.08 36.80 -5.84
CA GLY A 182 0.63 36.81 -5.79
C GLY A 182 -0.02 38.11 -6.21
N ILE A 183 0.21 38.52 -7.47
CA ILE A 183 -0.16 39.86 -7.90
C ILE A 183 -1.64 40.15 -7.64
N THR A 184 -2.52 39.20 -7.95
CA THR A 184 -3.96 39.43 -7.76
C THR A 184 -4.33 39.37 -6.28
N SER A 185 -3.82 38.36 -5.57
CA SER A 185 -4.22 38.15 -4.18
C SER A 185 -3.63 39.22 -3.25
N THR A 186 -2.44 39.73 -3.55
CA THR A 186 -1.77 40.64 -2.63
C THR A 186 -2.02 42.11 -2.94
N LYS A 187 -2.30 42.45 -4.20
CA LYS A 187 -2.34 43.85 -4.61
C LYS A 187 -3.61 44.23 -5.38
N TYR A 188 -4.57 43.34 -5.53
CA TYR A 188 -5.83 43.70 -6.17
C TYR A 188 -7.05 43.23 -5.37
N LEU A 189 -7.02 41.98 -4.90
CA LEU A 189 -8.01 41.54 -3.93
C LEU A 189 -7.64 41.88 -2.50
N LYS A 190 -6.36 41.85 -2.16
CA LYS A 190 -5.88 42.07 -0.80
C LYS A 190 -6.60 41.13 0.18
N ASN A 191 -6.50 39.84 -0.12
CA ASN A 191 -7.27 38.84 0.63
C ASN A 191 -6.39 37.71 1.16
N ARG A 192 -5.07 37.87 1.14
CA ARG A 192 -4.20 36.86 1.73
C ARG A 192 -4.25 36.95 3.25
N LYS A 193 -4.65 35.87 3.90
CA LYS A 193 -4.78 35.83 5.35
C LYS A 193 -3.84 34.77 5.92
N PHE A 194 -2.76 35.23 6.55
CA PHE A 194 -1.77 34.33 7.13
C PHE A 194 -2.28 33.67 8.40
N ASN A 195 -1.79 32.46 8.64
CA ASN A 195 -2.00 31.77 9.92
C ASN A 195 -0.80 32.08 10.82
N GLU A 196 -1.06 32.80 11.92
CA GLU A 196 0.04 33.26 12.78
C GLU A 196 0.82 32.12 13.40
N GLY A 197 0.23 30.94 13.53
CA GLY A 197 0.95 29.79 14.04
C GLY A 197 1.97 29.21 13.09
N LEU A 198 1.88 29.54 11.81
CA LEU A 198 2.71 28.92 10.78
C LEU A 198 3.58 29.95 10.05
N LYS A 199 3.91 31.06 10.71
CA LYS A 199 4.78 32.08 10.12
C LYS A 199 6.24 31.63 10.24
N ASN A 200 6.58 30.62 9.43
CA ASN A 200 7.85 29.94 9.54
C ASN A 200 8.91 30.54 8.63
N LEU A 201 10.17 30.29 8.97
CA LEU A 201 11.33 30.59 8.14
C LEU A 201 12.09 29.30 7.88
N ALA A 202 12.86 29.28 6.78
CA ALA A 202 13.58 28.08 6.40
C ALA A 202 14.99 28.44 5.92
N ILE A 203 15.92 27.52 6.18
CA ILE A 203 17.29 27.58 5.67
C ILE A 203 17.62 26.21 5.11
N TRP A 204 18.50 26.18 4.11
CA TRP A 204 18.81 24.91 3.47
C TRP A 204 20.18 25.00 2.79
N GLY A 205 20.70 23.82 2.44
CA GLY A 205 21.92 23.68 1.68
C GLY A 205 22.01 22.28 1.13
N TYR A 206 22.91 22.09 0.17
CA TYR A 206 23.12 20.81 -0.48
C TYR A 206 24.47 20.25 -0.06
N TYR A 207 24.47 18.96 0.30
CA TYR A 207 25.66 18.31 0.85
C TYR A 207 26.02 17.11 -0.01
N LYS A 208 27.32 16.91 -0.20
CA LYS A 208 27.86 15.82 -1.00
C LYS A 208 28.51 14.78 -0.10
N GLY A 209 28.43 13.51 -0.53
CA GLY A 209 29.09 12.42 0.16
C GLY A 209 28.37 11.87 1.38
N ALA A 210 27.18 12.37 1.70
CA ALA A 210 26.39 11.80 2.78
C ALA A 210 25.97 10.38 2.45
N ARG A 211 25.77 9.57 3.50
CA ARG A 211 25.48 8.16 3.23
C ARG A 211 23.98 7.88 3.33
N PRO A 212 23.48 6.96 2.49
CA PRO A 212 22.02 6.77 2.39
C PRO A 212 21.39 6.28 3.68
N TRP A 213 20.11 6.60 3.83
CA TRP A 213 19.28 6.05 4.88
C TRP A 213 18.77 4.66 4.53
N ALA A 214 18.64 3.81 5.54
CA ALA A 214 18.06 2.47 5.42
C ALA A 214 18.73 1.66 4.31
N GLU A 215 20.07 1.64 4.33
CA GLU A 215 20.83 0.94 3.31
C GLU A 215 20.42 -0.53 3.21
N GLY A 216 20.31 -1.01 1.97
CA GLY A 216 19.96 -2.39 1.70
C GLY A 216 18.48 -2.70 1.72
N THR A 217 17.72 -2.00 2.54
CA THR A 217 16.28 -2.24 2.62
C THR A 217 15.61 -1.81 1.33
N PRO A 218 14.44 -2.41 1.00
CA PRO A 218 13.70 -1.99 -0.20
C PRO A 218 13.24 -0.54 -0.17
N ARG A 219 13.58 0.19 0.90
CA ARG A 219 13.20 1.58 1.07
C ARG A 219 14.41 2.46 1.32
N GLU A 220 15.56 2.06 0.77
CA GLU A 220 16.81 2.77 0.99
C GLU A 220 16.81 4.14 0.31
N ASN A 221 17.46 5.11 0.97
CA ASN A 221 17.70 6.43 0.40
C ASN A 221 16.42 7.15 -0.01
N GLN A 222 15.35 6.94 0.74
CA GLN A 222 14.16 7.73 0.52
C GLN A 222 14.23 9.04 1.31
N PRO A 223 13.51 10.07 0.85
CA PRO A 223 13.48 11.33 1.61
C PRO A 223 13.08 11.10 3.06
N TYR A 224 13.75 11.81 3.97
CA TYR A 224 13.60 11.59 5.40
C TYR A 224 13.32 12.91 6.09
N PHE A 225 12.26 12.94 6.88
CA PHE A 225 11.84 14.12 7.61
C PHE A 225 11.72 13.75 9.09
N GLU A 226 12.27 14.59 9.97
CA GLU A 226 12.07 14.40 11.39
C GLU A 226 11.99 15.73 12.10
N GLY A 227 11.15 15.80 13.13
CA GLY A 227 11.03 17.00 13.93
C GLY A 227 12.19 17.15 14.90
N MET A 228 12.56 18.40 15.15
CA MET A 228 13.60 18.69 16.13
C MET A 228 13.17 18.20 17.51
N ARG A 229 14.13 17.63 18.24
CA ARG A 229 13.81 16.98 19.52
C ARG A 229 13.32 17.96 20.58
N ASP A 230 13.67 19.24 20.46
CA ASP A 230 13.15 20.23 21.40
C ASP A 230 11.78 20.75 20.99
N GLY A 231 11.28 20.38 19.81
CA GLY A 231 9.96 20.78 19.37
C GLY A 231 9.90 22.10 18.63
N ALA A 232 11.04 22.73 18.35
CA ALA A 232 11.04 24.05 17.74
C ALA A 232 10.73 24.02 16.25
N GLY A 233 10.90 22.88 15.59
CA GLY A 233 10.71 22.80 14.15
C GLY A 233 10.98 21.42 13.58
N TRP A 234 11.35 21.37 12.30
CA TRP A 234 11.60 20.10 11.64
C TRP A 234 12.63 20.29 10.53
N CYS A 235 13.26 19.19 10.16
CA CYS A 235 14.31 19.19 9.15
C CYS A 235 13.98 18.18 8.07
N TRP A 236 14.63 18.33 6.92
CA TRP A 236 14.43 17.40 5.81
C TRP A 236 15.76 16.99 5.21
N THR A 237 15.77 15.79 4.63
CA THR A 237 16.81 15.35 3.72
C THR A 237 16.13 14.82 2.46
N ILE A 238 16.54 15.32 1.31
CA ILE A 238 15.95 14.91 0.04
C ILE A 238 17.07 14.54 -0.93
N PRO A 239 17.32 13.26 -1.16
CA PRO A 239 18.40 12.86 -2.06
C PRO A 239 18.00 13.08 -3.51
N LEU A 240 18.99 13.47 -4.32
CA LEU A 240 18.75 13.87 -5.70
C LEU A 240 19.64 13.05 -6.61
N HIS A 241 19.28 13.01 -7.89
CA HIS A 241 20.09 12.31 -8.87
C HIS A 241 21.44 12.97 -9.07
N ASN A 242 21.59 14.22 -8.65
CA ASN A 242 22.84 14.96 -8.69
C ASN A 242 23.92 14.37 -7.80
N GLY A 243 23.63 13.30 -7.06
CA GLY A 243 24.57 12.73 -6.14
C GLY A 243 24.64 13.43 -4.80
N THR A 244 23.92 14.52 -4.64
CA THR A 244 23.86 15.27 -3.38
C THR A 244 22.51 15.07 -2.72
N VAL A 245 22.46 15.39 -1.43
CA VAL A 245 21.22 15.39 -0.66
C VAL A 245 20.87 16.83 -0.30
N SER A 246 19.62 17.20 -0.55
CA SER A 246 19.11 18.50 -0.14
C SER A 246 18.77 18.44 1.35
N VAL A 247 19.34 19.35 2.13
CA VAL A 247 19.17 19.37 3.57
C VAL A 247 18.71 20.76 3.99
N GLY A 248 17.75 20.81 4.91
CA GLY A 248 17.24 22.10 5.36
C GLY A 248 16.50 21.96 6.67
N ALA A 249 16.17 23.11 7.24
CA ALA A 249 15.49 23.20 8.52
C ALA A 249 14.45 24.31 8.46
N VAL A 250 13.33 24.10 9.14
CA VAL A 250 12.20 25.03 9.15
C VAL A 250 11.90 25.39 10.60
N LEU A 251 11.78 26.68 10.88
CA LEU A 251 11.51 27.18 12.22
C LEU A 251 10.53 28.33 12.15
N ARG A 252 9.71 28.44 13.19
CA ARG A 252 8.86 29.61 13.35
C ARG A 252 9.72 30.86 13.51
N SER A 253 9.17 32.01 13.10
CA SER A 253 9.97 33.23 13.03
C SER A 253 10.55 33.61 14.38
N ASP A 254 9.77 33.44 15.46
CA ASP A 254 10.28 33.77 16.79
C ASP A 254 11.30 32.75 17.26
N LEU A 255 11.00 31.46 17.11
CA LEU A 255 11.91 30.40 17.53
C LEU A 255 13.17 30.37 16.66
N PHE A 256 13.15 30.99 15.49
CA PHE A 256 14.32 30.99 14.61
C PHE A 256 15.46 31.79 15.23
N PHE A 257 15.18 33.01 15.68
CA PHE A 257 16.22 33.85 16.25
C PHE A 257 16.61 33.43 17.67
N ALA A 258 15.81 32.59 18.32
CA ALA A 258 16.19 32.01 19.59
C ALA A 258 17.37 31.05 19.43
N ASP A 266 23.74 36.44 9.78
CA ASP A 266 24.65 36.01 8.74
C ASP A 266 25.25 34.65 9.07
N VAL A 267 26.22 34.64 10.00
CA VAL A 267 26.83 33.39 10.44
C VAL A 267 25.82 32.49 11.13
N THR A 268 24.70 33.05 11.59
CA THR A 268 23.65 32.26 12.22
C THR A 268 23.17 31.15 11.30
N ASN A 269 23.08 31.41 10.00
CA ASN A 269 22.55 30.42 9.07
C ASN A 269 23.40 29.15 9.06
N ALA A 270 24.73 29.30 9.02
CA ALA A 270 25.59 28.12 9.06
C ALA A 270 25.61 27.49 10.44
N MET A 271 25.41 28.29 11.50
CA MET A 271 25.45 27.76 12.85
C MET A 271 24.11 27.10 13.23
N ILE A 272 23.00 27.77 12.91
CA ILE A 272 21.69 27.18 13.18
C ILE A 272 21.48 25.93 12.35
N MET A 273 22.08 25.87 11.15
CA MET A 273 22.04 24.65 10.36
C MET A 273 22.64 23.48 11.13
N ALA A 274 23.75 23.72 11.84
CA ALA A 274 24.37 22.66 12.63
C ALA A 274 23.56 22.37 13.89
N GLU A 275 23.00 23.40 14.51
CA GLU A 275 22.24 23.20 15.75
C GLU A 275 20.97 22.39 15.49
N CYS A 276 20.21 22.76 14.45
CA CYS A 276 19.01 21.99 14.12
C CYS A 276 19.36 20.57 13.70
N MET A 277 20.51 20.38 13.04
CA MET A 277 20.93 19.05 12.67
C MET A 277 21.28 18.22 13.90
N LYS A 278 21.87 18.85 14.92
CA LYS A 278 22.16 18.15 16.16
C LYS A 278 20.87 17.76 16.88
N LEU A 279 19.83 18.58 16.77
CA LEU A 279 18.54 18.26 17.37
C LEU A 279 17.74 17.26 16.54
N CYS A 280 18.31 16.78 15.44
CA CYS A 280 17.72 15.74 14.60
C CYS A 280 18.77 14.62 14.49
N PRO A 281 18.78 13.68 15.44
CA PRO A 281 19.88 12.71 15.49
C PRO A 281 20.03 11.86 14.24
N THR A 282 18.93 11.55 13.55
CA THR A 282 19.02 10.71 12.36
C THR A 282 19.50 11.49 11.15
N ILE A 283 19.08 12.76 11.03
CA ILE A 283 19.62 13.63 9.97
C ILE A 283 21.12 13.77 10.12
N LYS A 284 21.59 13.99 11.35
CA LYS A 284 23.03 14.07 11.60
C LYS A 284 23.73 12.78 11.21
N GLU A 285 23.09 11.63 11.45
CA GLU A 285 23.71 10.35 11.14
C GLU A 285 23.91 10.19 9.64
N LEU A 286 22.93 10.62 8.83
CA LEU A 286 23.09 10.53 7.39
C LEU A 286 24.18 11.47 6.91
N LEU A 287 24.27 12.65 7.51
CA LEU A 287 25.25 13.68 7.17
C LEU A 287 26.55 13.53 7.96
N GLU A 288 26.79 12.35 8.53
CA GLU A 288 27.98 12.11 9.35
C GLU A 288 29.29 12.46 8.65
N PRO A 289 29.60 11.94 7.45
CA PRO A 289 30.83 12.36 6.76
C PRO A 289 30.63 13.46 5.72
N ALA A 290 29.47 14.12 5.70
CA ALA A 290 29.09 14.94 4.56
C ALA A 290 29.93 16.22 4.48
N GLU A 291 30.17 16.65 3.24
CA GLU A 291 30.81 17.92 2.93
C GLU A 291 29.82 18.85 2.25
N LEU A 292 29.74 20.08 2.73
CA LEU A 292 28.88 21.08 2.10
C LEU A 292 29.49 21.56 0.80
N VAL A 293 28.70 21.51 -0.27
CA VAL A 293 29.12 22.05 -1.57
C VAL A 293 28.31 23.27 -1.97
N SER A 294 27.13 23.47 -1.39
CA SER A 294 26.26 24.59 -1.72
C SER A 294 26.45 25.74 -0.72
N ASP A 295 25.94 26.90 -1.10
CA ASP A 295 25.70 27.95 -0.13
C ASP A 295 24.48 27.61 0.72
N ILE A 296 24.50 28.07 1.97
CA ILE A 296 23.38 27.88 2.89
C ILE A 296 22.52 29.13 2.82
N LYS A 297 21.29 28.98 2.34
CA LYS A 297 20.43 30.10 1.98
C LYS A 297 19.17 30.10 2.85
N GLN A 298 18.69 31.30 3.16
CA GLN A 298 17.49 31.49 3.95
C GLN A 298 16.40 32.14 3.11
N ALA A 299 15.15 31.79 3.41
CA ALA A 299 14.01 32.38 2.73
C ALA A 299 12.80 32.34 3.64
N THR A 300 11.83 33.22 3.35
CA THR A 300 10.58 33.24 4.08
C THR A 300 9.68 32.09 3.64
N ASP A 301 8.90 31.57 4.58
CA ASP A 301 8.13 30.34 4.38
C ASP A 301 6.78 30.43 5.08
N TYR A 302 6.13 31.59 5.01
CA TYR A 302 4.86 31.78 5.68
C TYR A 302 3.75 31.00 5.00
N SER A 303 2.85 30.45 5.80
CA SER A 303 1.66 29.77 5.29
C SER A 303 0.48 30.74 5.29
N TYR A 304 -0.32 30.68 4.23
CA TYR A 304 -1.42 31.61 4.07
C TYR A 304 -2.51 31.02 3.20
N SER A 305 -3.73 31.50 3.41
CA SER A 305 -4.86 31.23 2.53
C SER A 305 -5.36 32.55 1.95
N ALA A 306 -6.45 32.48 1.19
CA ALA A 306 -7.08 33.67 0.63
C ALA A 306 -8.59 33.56 0.78
N SER A 307 -9.24 34.72 0.90
CA SER A 307 -10.70 34.74 0.99
C SER A 307 -11.36 34.33 -0.32
N ALA A 308 -10.64 34.40 -1.44
CA ALA A 308 -11.17 34.03 -2.73
C ALA A 308 -10.03 33.62 -3.64
N TYR A 309 -10.29 32.63 -4.50
CA TYR A 309 -9.30 32.11 -5.43
C TYR A 309 -9.71 32.30 -6.89
N ALA A 310 -10.83 32.95 -7.16
CA ALA A 310 -11.26 33.19 -8.53
C ALA A 310 -12.28 34.32 -8.54
N GLY A 311 -12.57 34.81 -9.75
CA GLY A 311 -13.55 35.84 -9.95
C GLY A 311 -13.99 35.92 -11.40
N PRO A 312 -14.49 37.07 -11.81
CA PRO A 312 -14.90 37.24 -13.21
C PRO A 312 -13.75 37.02 -14.19
N TYR A 313 -13.72 35.84 -14.81
CA TYR A 313 -12.79 35.52 -15.89
C TYR A 313 -11.33 35.59 -15.45
N PHE A 314 -11.05 35.19 -14.21
CA PHE A 314 -9.67 34.97 -13.81
C PHE A 314 -9.59 33.82 -12.80
N ARG A 315 -8.45 33.16 -12.79
CA ARG A 315 -8.18 32.01 -11.92
C ARG A 315 -6.87 32.22 -11.20
N ILE A 316 -6.84 31.89 -9.92
CA ILE A 316 -5.63 31.96 -9.11
C ILE A 316 -5.19 30.53 -8.79
N VAL A 317 -3.91 30.25 -9.00
CA VAL A 317 -3.38 28.90 -8.84
C VAL A 317 -2.05 28.95 -8.10
N GLY A 318 -1.76 27.88 -7.37
CA GLY A 318 -0.51 27.71 -6.67
C GLY A 318 -0.30 28.71 -5.56
N ASP A 319 0.97 29.10 -5.37
CA ASP A 319 1.33 30.01 -4.29
C ASP A 319 0.66 31.37 -4.44
N ALA A 320 0.23 31.74 -5.64
CA ALA A 320 -0.53 32.97 -5.83
C ALA A 320 -1.81 33.00 -5.01
N GLY A 321 -2.34 31.83 -4.65
CA GLY A 321 -3.54 31.76 -3.84
C GLY A 321 -3.29 31.35 -2.40
N CYS A 322 -2.65 30.20 -2.21
CA CYS A 322 -2.52 29.64 -0.88
C CYS A 322 -1.19 28.92 -0.74
N PHE A 323 -0.74 28.78 0.51
CA PHE A 323 0.51 28.08 0.83
C PHE A 323 0.37 27.43 2.19
N ILE A 324 0.95 26.24 2.32
CA ILE A 324 0.96 25.49 3.57
C ILE A 324 2.37 24.98 3.79
N ASP A 325 2.74 24.81 5.06
CA ASP A 325 4.10 24.42 5.43
C ASP A 325 4.50 23.15 4.66
N PRO A 326 5.65 23.16 3.98
CA PRO A 326 5.97 22.07 3.04
C PRO A 326 6.40 20.77 3.69
N PHE A 327 5.84 20.44 4.85
CA PHE A 327 6.24 19.22 5.54
C PHE A 327 5.88 17.97 4.73
N PHE A 328 4.71 17.97 4.10
CA PHE A 328 4.23 16.82 3.35
C PHE A 328 4.34 17.03 1.84
N SER A 329 5.24 17.91 1.39
CA SER A 329 5.57 18.07 -0.03
C SER A 329 4.33 18.34 -0.88
N SER A 330 3.50 19.27 -0.42
CA SER A 330 2.22 19.56 -1.05
C SER A 330 2.28 20.67 -2.09
N GLY A 331 3.38 21.43 -2.14
CA GLY A 331 3.39 22.65 -2.93
C GLY A 331 3.28 22.41 -4.42
N HIS A 332 4.11 21.50 -4.95
CA HIS A 332 4.09 21.25 -6.39
C HIS A 332 2.83 20.54 -6.82
N HIS A 333 2.29 19.65 -5.97
CA HIS A 333 1.03 19.01 -6.26
C HIS A 333 -0.09 20.02 -6.39
N LEU A 334 -0.29 20.85 -5.36
CA LEU A 334 -1.39 21.82 -5.38
C LEU A 334 -1.23 22.83 -6.51
N ALA A 335 0.01 23.11 -6.93
CA ALA A 335 0.22 24.03 -8.05
C ALA A 335 -0.38 23.47 -9.33
N MET A 336 0.01 22.25 -9.71
CA MET A 336 -0.50 21.66 -10.93
C MET A 336 -1.95 21.21 -10.80
N ALA A 337 -2.36 20.78 -9.60
CA ALA A 337 -3.75 20.38 -9.41
C ALA A 337 -4.69 21.57 -9.57
N GLY A 338 -4.26 22.75 -9.13
CA GLY A 338 -5.03 23.95 -9.39
C GLY A 338 -4.93 24.43 -10.82
N ALA A 339 -3.76 24.20 -11.45
CA ALA A 339 -3.61 24.56 -12.86
C ALA A 339 -4.54 23.74 -13.74
N LEU A 340 -4.76 22.47 -13.40
CA LEU A 340 -5.73 21.66 -14.13
C LEU A 340 -7.14 22.21 -13.94
N ALA A 341 -7.49 22.55 -12.69
CA ALA A 341 -8.82 23.10 -12.43
C ALA A 341 -9.03 24.43 -13.13
N ALA A 342 -7.97 25.24 -13.25
CA ALA A 342 -8.09 26.50 -13.98
C ALA A 342 -8.37 26.25 -15.46
N ALA A 343 -7.66 25.29 -16.06
CA ALA A 343 -7.89 24.97 -17.47
C ALA A 343 -9.27 24.38 -17.69
N VAL A 344 -9.72 23.52 -16.77
CA VAL A 344 -11.06 22.94 -16.88
C VAL A 344 -12.11 24.03 -16.78
N SER A 345 -12.02 24.89 -15.77
CA SER A 345 -13.03 25.90 -15.53
C SER A 345 -13.06 26.94 -16.65
N ILE A 346 -11.89 27.30 -17.19
CA ILE A 346 -11.85 28.28 -18.27
C ILE A 346 -12.46 27.69 -19.54
N ARG A 347 -12.09 26.45 -19.88
CA ARG A 347 -12.66 25.82 -21.07
C ARG A 347 -14.15 25.60 -20.92
N ALA A 348 -14.60 25.20 -19.73
CA ALA A 348 -16.03 25.06 -19.49
C ALA A 348 -16.76 26.38 -19.72
N SER A 349 -16.18 27.49 -19.24
CA SER A 349 -16.78 28.79 -19.49
C SER A 349 -16.69 29.17 -20.96
N MET A 350 -15.58 28.82 -21.62
CA MET A 350 -15.38 29.20 -23.01
C MET A 350 -16.41 28.56 -23.93
N LYS A 351 -16.69 27.27 -23.74
CA LYS A 351 -17.51 26.51 -24.67
C LYS A 351 -18.94 26.32 -24.19
N GLY A 352 -19.32 26.98 -23.10
CA GLY A 352 -20.72 27.01 -22.70
C GLY A 352 -21.19 25.82 -21.89
N ASP A 353 -20.28 25.11 -21.24
CA ASP A 353 -20.71 24.05 -20.33
C ASP A 353 -21.48 24.61 -19.14
N CYS A 354 -21.13 25.82 -18.71
CA CYS A 354 -21.83 26.52 -17.63
C CYS A 354 -21.47 27.99 -17.73
N SER A 355 -22.17 28.79 -16.92
CA SER A 355 -21.86 30.21 -16.85
C SER A 355 -20.51 30.43 -16.17
N GLU A 356 -19.94 31.62 -16.39
CA GLU A 356 -18.68 31.96 -15.75
C GLU A 356 -18.79 31.91 -14.24
N TYR A 357 -19.91 32.40 -13.69
CA TYR A 357 -20.11 32.37 -12.24
C TYR A 357 -20.15 30.94 -11.71
N GLU A 358 -20.67 30.00 -12.50
CA GLU A 358 -20.66 28.60 -12.10
C GLU A 358 -19.25 28.01 -12.17
N ALA A 359 -18.47 28.41 -13.17
CA ALA A 359 -17.13 27.86 -13.34
C ALA A 359 -16.15 28.42 -12.31
N SER A 360 -16.21 29.74 -12.06
CA SER A 360 -15.30 30.35 -11.11
C SER A 360 -15.48 29.78 -9.71
N ASN A 361 -16.72 29.50 -9.32
CA ASN A 361 -16.96 28.87 -8.03
C ASN A 361 -16.39 27.46 -7.98
N TRP A 362 -16.46 26.73 -9.10
CA TRP A 362 -15.96 25.37 -9.12
C TRP A 362 -14.43 25.34 -8.99
N HIS A 363 -13.74 26.20 -9.75
CA HIS A 363 -12.30 26.32 -9.61
C HIS A 363 -11.91 26.73 -8.19
N ALA A 364 -12.55 27.79 -7.67
CA ALA A 364 -12.18 28.29 -6.36
C ALA A 364 -12.44 27.27 -5.27
N ARG A 365 -13.48 26.44 -5.43
CA ARG A 365 -13.72 25.38 -4.46
C ARG A 365 -12.62 24.34 -4.51
N LYS A 366 -12.20 23.93 -5.71
CA LYS A 366 -11.15 22.92 -5.83
C LYS A 366 -9.81 23.42 -5.32
N VAL A 367 -9.55 24.73 -5.40
CA VAL A 367 -8.36 25.28 -4.76
C VAL A 367 -8.52 25.26 -3.25
N ASP A 368 -9.69 25.65 -2.76
CA ASP A 368 -9.93 25.66 -1.31
C ASP A 368 -10.01 24.25 -0.75
N GLU A 369 -10.73 23.36 -1.45
CA GLU A 369 -10.93 22.01 -0.95
C GLU A 369 -9.63 21.21 -0.94
N GLY A 370 -8.79 21.41 -1.96
CA GLY A 370 -7.47 20.79 -1.94
C GLY A 370 -6.57 21.34 -0.85
N TYR A 371 -6.58 22.66 -0.66
CA TYR A 371 -5.76 23.27 0.39
C TYR A 371 -6.22 22.86 1.78
N THR A 372 -7.53 22.76 1.99
CA THR A 372 -8.05 22.42 3.32
C THR A 372 -7.59 21.02 3.74
N LEU A 373 -7.50 20.09 2.78
CA LEU A 373 -7.07 18.73 3.11
C LEU A 373 -5.65 18.73 3.68
N PHE A 374 -4.71 19.34 2.95
CA PHE A 374 -3.33 19.40 3.42
C PHE A 374 -3.18 20.28 4.66
N LEU A 375 -4.04 21.30 4.81
CA LEU A 375 -3.95 22.19 5.96
C LEU A 375 -4.11 21.43 7.27
N LEU A 376 -5.23 20.72 7.43
CA LEU A 376 -5.49 20.02 8.68
C LEU A 376 -4.54 18.84 8.88
N VAL A 377 -4.03 18.26 7.80
CA VAL A 377 -3.07 17.16 7.94
C VAL A 377 -1.71 17.68 8.39
N VAL A 378 -1.22 18.74 7.74
CA VAL A 378 0.03 19.35 8.17
C VAL A 378 -0.09 19.91 9.58
N MET A 379 -1.26 20.50 9.90
CA MET A 379 -1.47 21.06 11.23
C MET A 379 -1.41 19.97 12.30
N ALA A 380 -2.01 18.80 12.02
CA ALA A 380 -1.97 17.69 12.96
C ALA A 380 -0.55 17.18 13.16
N ALA A 381 0.22 17.09 12.07
CA ALA A 381 1.60 16.63 12.19
C ALA A 381 2.47 17.63 12.92
N LEU A 382 2.32 18.92 12.62
CA LEU A 382 3.12 19.94 13.28
C LEU A 382 2.76 20.08 14.76
N LYS A 383 1.49 19.80 15.12
CA LYS A 383 1.12 19.77 16.53
C LYS A 383 1.79 18.61 17.24
N GLN A 384 1.86 17.44 16.59
CA GLN A 384 2.58 16.31 17.16
C GLN A 384 4.06 16.61 17.32
N ILE A 385 4.63 17.45 16.46
CA ILE A 385 6.05 17.77 16.57
C ILE A 385 6.30 18.67 17.79
N ARG A 386 5.39 19.61 18.07
CA ARG A 386 5.58 20.44 19.25
C ARG A 386 5.17 19.70 20.53
N MET A 387 4.15 18.85 20.45
CA MET A 387 3.86 17.88 21.51
C MET A 387 4.75 16.65 21.31
N GLN A 388 6.04 16.84 21.58
CA GLN A 388 7.01 15.76 21.45
C GLN A 388 6.63 14.55 22.30
N GLU A 389 6.21 14.77 23.54
CA GLU A 389 5.93 13.68 24.45
C GLU A 389 4.46 13.28 24.50
N GLU A 390 3.57 14.06 23.88
CA GLU A 390 2.15 13.76 23.99
C GLU A 390 1.64 12.96 22.80
N PRO A 391 0.77 11.97 22.96
CA PRO A 391 0.33 11.25 21.79
C PRO A 391 -0.70 12.11 21.04
N VAL A 392 -0.28 12.75 19.95
CA VAL A 392 -1.19 13.58 19.11
C VAL A 392 -1.65 12.68 17.98
N LEU A 393 -0.67 12.13 17.29
CA LEU A 393 -0.90 11.19 16.20
C LEU A 393 -0.58 9.76 16.59
N SER A 394 -0.26 9.51 17.86
CA SER A 394 0.03 8.16 18.36
C SER A 394 -1.25 7.52 18.87
N ASP A 395 -1.61 6.38 18.29
CA ASP A 395 -2.78 5.61 18.65
C ASP A 395 -2.34 4.36 19.39
N ILE A 396 -3.29 3.51 19.78
CA ILE A 396 -2.92 2.28 20.46
C ILE A 396 -2.07 1.46 19.51
N ASP A 397 -0.86 1.09 19.97
CA ASP A 397 0.15 0.62 19.03
C ASP A 397 1.22 -0.17 19.77
N ASP A 398 2.19 -0.67 19.00
CA ASP A 398 3.37 -1.33 19.51
C ASP A 398 4.62 -0.47 19.39
N ASP A 399 4.65 0.45 18.41
CA ASP A 399 5.72 1.42 18.23
C ASP A 399 5.37 2.31 17.04
N GLY A 400 6.09 3.43 16.94
CA GLY A 400 6.06 4.30 15.78
C GLY A 400 4.75 4.96 15.38
N PHE A 401 4.78 5.69 14.26
CA PHE A 401 3.62 6.42 13.74
C PHE A 401 3.05 5.80 12.48
N ASP A 402 3.52 4.62 12.08
CA ASP A 402 3.11 4.05 10.79
C ASP A 402 1.62 3.77 10.72
N ARG A 403 0.98 3.50 11.86
CA ARG A 403 -0.47 3.31 11.86
C ARG A 403 -1.19 4.60 11.52
N ALA A 404 -0.66 5.74 11.97
CA ALA A 404 -1.27 7.02 11.64
C ALA A 404 -1.16 7.29 10.14
N PHE A 405 0.00 7.01 9.54
CA PHE A 405 0.20 7.25 8.13
C PHE A 405 -0.56 6.27 7.24
N GLN A 406 -1.09 5.18 7.80
CA GLN A 406 -2.01 4.34 7.05
C GLN A 406 -3.36 5.02 6.90
N PHE A 407 -3.73 5.87 7.85
CA PHE A 407 -4.98 6.62 7.75
C PHE A 407 -4.81 7.88 6.90
N LEU A 408 -3.70 8.60 7.10
CA LEU A 408 -3.41 9.81 6.35
C LEU A 408 -2.99 9.54 4.91
N LYS A 409 -2.80 8.28 4.54
CA LYS A 409 -2.29 7.80 3.26
C LYS A 409 -2.82 8.57 2.05
N PRO A 410 -4.14 8.68 1.84
CA PRO A 410 -4.61 9.27 0.56
C PRO A 410 -4.32 10.76 0.44
N VAL A 411 -4.50 11.52 1.51
CA VAL A 411 -4.25 12.96 1.45
C VAL A 411 -2.75 13.23 1.28
N ILE A 412 -1.92 12.51 2.03
CA ILE A 412 -0.47 12.69 1.94
C ILE A 412 0.04 12.41 0.54
N GLN A 413 -0.59 11.48 -0.18
CA GLN A 413 -0.19 11.14 -1.53
C GLN A 413 -0.99 11.90 -2.60
N GLY A 414 -1.73 12.93 -2.20
CA GLY A 414 -2.30 13.87 -3.15
C GLY A 414 -3.70 13.57 -3.63
N SER A 415 -4.45 12.73 -2.94
CA SER A 415 -5.81 12.42 -3.34
C SER A 415 -6.82 13.23 -2.54
N GLY A 416 -8.10 13.05 -2.85
CA GLY A 416 -9.18 13.60 -2.07
C GLY A 416 -9.85 14.83 -2.65
N SER A 417 -9.33 15.37 -3.75
CA SER A 417 -9.95 16.53 -4.38
C SER A 417 -9.78 16.48 -5.90
N ALA A 418 -8.55 16.26 -6.35
CA ALA A 418 -8.29 16.13 -7.78
C ALA A 418 -8.89 14.83 -8.30
N GLU A 419 -9.67 14.93 -9.38
CA GLU A 419 -10.33 13.75 -9.94
C GLU A 419 -9.39 12.86 -10.73
N ILE A 420 -8.24 13.38 -11.18
CA ILE A 420 -7.32 12.58 -11.99
C ILE A 420 -6.64 11.49 -11.17
N VAL A 421 -6.56 11.64 -9.85
CA VAL A 421 -5.92 10.63 -8.99
C VAL A 421 -7.03 9.68 -8.50
N LYS A 422 -7.30 8.66 -9.30
CA LYS A 422 -8.37 7.70 -8.98
C LYS A 422 -7.97 6.73 -7.88
N ARG A 423 -6.68 6.61 -7.58
CA ARG A 423 -6.15 5.45 -6.87
C ARG A 423 -6.93 5.14 -5.59
N PHE A 424 -7.22 6.15 -4.78
CA PHE A 424 -7.82 5.93 -3.49
C PHE A 424 -9.33 6.14 -3.56
N THR A 425 -10.06 5.27 -2.88
CA THR A 425 -11.52 5.36 -2.84
C THR A 425 -11.96 6.57 -2.03
N LYS A 426 -13.13 7.09 -2.38
CA LYS A 426 -13.71 8.19 -1.62
C LYS A 426 -14.09 7.77 -0.21
N LYS A 427 -14.21 6.46 0.06
CA LYS A 427 -14.35 5.98 1.42
C LYS A 427 -13.07 6.23 2.23
N GLU A 428 -11.92 5.86 1.67
CA GLU A 428 -10.65 6.02 2.38
C GLU A 428 -10.36 7.47 2.72
N VAL A 429 -10.69 8.39 1.81
CA VAL A 429 -10.43 9.81 2.03
C VAL A 429 -11.17 10.31 3.26
N SER A 430 -12.39 9.84 3.47
CA SER A 430 -13.19 10.32 4.60
C SER A 430 -12.51 9.99 5.93
N GLU A 431 -11.89 8.82 6.05
CA GLU A 431 -11.22 8.46 7.28
C GLU A 431 -9.94 9.27 7.49
N ALA A 432 -9.30 9.71 6.40
CA ALA A 432 -8.13 10.58 6.54
C ALA A 432 -8.51 11.93 7.13
N ILE A 433 -9.69 12.46 6.77
CA ILE A 433 -10.12 13.76 7.29
C ILE A 433 -10.46 13.65 8.77
N ASP A 434 -11.27 12.65 9.13
CA ASP A 434 -11.66 12.47 10.52
C ASP A 434 -10.47 12.21 11.42
N PHE A 435 -9.52 11.39 10.97
CA PHE A 435 -8.38 11.02 11.80
C PHE A 435 -7.58 12.24 12.26
N ALA A 436 -7.35 13.20 11.36
CA ALA A 436 -6.55 14.36 11.71
C ALA A 436 -7.35 15.36 12.55
N VAL A 437 -8.62 15.57 12.20
CA VAL A 437 -9.45 16.53 12.92
C VAL A 437 -9.70 16.06 14.35
N LEU A 438 -9.87 14.75 14.56
CA LEU A 438 -10.08 14.25 15.91
C LEU A 438 -8.84 14.41 16.77
N ALA A 439 -7.65 14.45 16.16
CA ALA A 439 -6.44 14.73 16.92
C ALA A 439 -6.32 16.21 17.25
N LEU A 440 -6.74 17.08 16.34
CA LEU A 440 -6.78 18.51 16.59
C LEU A 440 -7.92 18.89 17.54
N GLY A 505 -24.25 19.65 -8.78
CA GLY A 505 -22.81 19.73 -8.81
C GLY A 505 -22.22 19.54 -10.19
N PHE A 506 -20.91 19.71 -10.31
CA PHE A 506 -20.21 19.59 -11.57
C PHE A 506 -19.15 18.50 -11.50
N MET A 507 -18.85 17.91 -12.65
CA MET A 507 -17.88 16.82 -12.76
C MET A 507 -16.94 17.12 -13.92
N PRO A 508 -15.63 17.02 -13.73
CA PRO A 508 -14.70 17.33 -14.81
C PRO A 508 -14.85 16.38 -15.99
N ARG A 509 -14.59 16.91 -17.18
CA ARG A 509 -14.50 16.12 -18.40
C ARG A 509 -13.04 16.11 -18.82
N LEU A 510 -12.25 15.24 -18.19
CA LEU A 510 -10.81 15.20 -18.39
C LEU A 510 -10.46 14.44 -19.68
N GLU A 511 -11.01 14.92 -20.78
CA GLU A 511 -10.75 14.37 -22.11
C GLU A 511 -9.96 15.38 -22.91
N HIS A 512 -8.83 14.96 -23.47
CA HIS A 512 -8.05 15.84 -24.33
C HIS A 512 -8.85 16.21 -25.57
N GLY A 513 -9.01 17.50 -25.80
CA GLY A 513 -9.82 18.00 -26.89
C GLY A 513 -11.28 18.21 -26.53
N HIS A 514 -11.71 17.78 -25.36
CA HIS A 514 -13.09 17.96 -24.89
C HIS A 514 -13.12 18.43 -23.45
N LEU A 515 -12.07 19.11 -23.00
CA LEU A 515 -11.97 19.49 -21.60
C LEU A 515 -13.11 20.43 -21.21
N GLY A 516 -13.63 20.23 -20.01
CA GLY A 516 -14.73 21.05 -19.52
C GLY A 516 -15.39 20.40 -18.31
N LEU A 517 -16.65 20.78 -18.09
CA LEU A 517 -17.42 20.31 -16.95
C LEU A 517 -18.77 19.78 -17.39
N ASN A 518 -19.18 18.66 -16.79
CA ASN A 518 -20.53 18.15 -16.88
C ASN A 518 -21.26 18.37 -15.57
N ARG A 519 -22.59 18.31 -15.61
CA ARG A 519 -23.39 18.50 -14.42
C ARG A 519 -23.75 17.16 -13.77
N SER B 2 29.11 -20.13 11.33
CA SER B 2 28.53 -21.19 10.51
C SER B 2 27.35 -21.85 11.22
N ILE B 3 26.69 -22.77 10.52
CA ILE B 3 25.55 -23.48 11.09
C ILE B 3 26.04 -24.33 12.26
N PRO B 4 25.40 -24.30 13.43
CA PRO B 4 25.89 -25.08 14.56
C PRO B 4 25.60 -26.57 14.40
N LYS B 5 26.42 -27.37 15.09
CA LYS B 5 26.26 -28.82 15.06
C LYS B 5 25.16 -29.33 15.97
N SER B 6 24.76 -28.55 16.97
CA SER B 6 23.75 -28.98 17.93
C SER B 6 22.82 -27.83 18.25
N CYS B 7 21.54 -28.15 18.44
CA CYS B 7 20.54 -27.18 18.85
C CYS B 7 19.41 -27.91 19.56
N GLU B 8 18.47 -27.14 20.10
CA GLU B 8 17.32 -27.73 20.79
C GLU B 8 16.24 -28.16 19.81
N VAL B 9 15.85 -27.30 18.88
CA VAL B 9 14.82 -27.59 17.90
C VAL B 9 15.31 -27.21 16.52
N LEU B 10 15.16 -28.12 15.57
CA LEU B 10 15.44 -27.85 14.16
C LEU B 10 14.11 -27.69 13.42
N VAL B 11 13.96 -26.56 12.74
CA VAL B 11 12.78 -26.28 11.92
C VAL B 11 13.21 -26.37 10.46
N ALA B 12 12.60 -27.31 9.72
CA ALA B 12 12.93 -27.53 8.32
C ALA B 12 11.95 -26.76 7.44
N GLY B 13 12.47 -25.80 6.68
CA GLY B 13 11.64 -24.99 5.81
C GLY B 13 11.26 -23.67 6.43
N GLY B 14 11.73 -22.56 5.84
CA GLY B 14 11.44 -21.24 6.36
C GLY B 14 10.27 -20.57 5.69
N GLY B 15 9.20 -21.31 5.44
CA GLY B 15 7.95 -20.73 5.02
C GLY B 15 7.18 -20.17 6.20
N PRO B 16 5.92 -19.78 5.98
CA PRO B 16 5.14 -19.21 7.09
C PRO B 16 5.06 -20.13 8.31
N ALA B 17 4.80 -21.42 8.10
CA ALA B 17 4.71 -22.35 9.23
C ALA B 17 6.06 -22.55 9.90
N GLY B 18 7.15 -22.46 9.14
CA GLY B 18 8.47 -22.61 9.74
C GLY B 18 8.87 -21.39 10.54
N SER B 19 8.76 -20.21 9.93
CA SER B 19 9.12 -18.98 10.62
C SER B 19 8.24 -18.74 11.84
N TYR B 20 6.96 -19.10 11.74
CA TYR B 20 6.06 -18.93 12.89
C TYR B 20 6.46 -19.87 14.03
N ALA B 21 6.74 -21.13 13.71
CA ALA B 21 7.14 -22.08 14.75
C ALA B 21 8.51 -21.73 15.32
N ALA B 22 9.43 -21.26 14.47
CA ALA B 22 10.75 -20.86 14.94
C ALA B 22 10.64 -19.64 15.86
N SER B 23 9.86 -18.64 15.45
CA SER B 23 9.71 -17.44 16.27
C SER B 23 9.02 -17.75 17.59
N ALA B 24 7.92 -18.52 17.54
CA ALA B 24 7.18 -18.83 18.76
C ALA B 24 8.02 -19.61 19.75
N LEU B 25 8.93 -20.47 19.27
CA LEU B 25 9.81 -21.20 20.16
C LEU B 25 10.97 -20.34 20.63
N ALA B 26 11.56 -19.55 19.72
CA ALA B 26 12.69 -18.70 20.09
C ALA B 26 12.25 -17.60 21.05
N ARG B 27 11.03 -17.11 20.92
CA ARG B 27 10.52 -16.12 21.88
C ARG B 27 10.31 -16.73 23.26
N GLU B 28 10.30 -18.05 23.37
CA GLU B 28 10.32 -18.75 24.64
C GLU B 28 11.74 -19.04 25.13
N GLY B 29 12.76 -18.69 24.34
CA GLY B 29 14.14 -18.90 24.71
C GLY B 29 14.79 -20.14 24.13
N VAL B 30 14.06 -20.91 23.31
CA VAL B 30 14.60 -22.16 22.77
C VAL B 30 15.70 -21.87 21.76
N ASP B 31 16.75 -22.69 21.79
CA ASP B 31 17.84 -22.62 20.81
C ASP B 31 17.35 -23.24 19.51
N VAL B 32 16.74 -22.42 18.66
CA VAL B 32 16.11 -22.87 17.42
C VAL B 32 17.03 -22.59 16.25
N VAL B 33 17.15 -23.56 15.34
CA VAL B 33 17.83 -23.39 14.07
C VAL B 33 16.81 -23.59 12.95
N LEU B 34 16.77 -22.66 12.01
CA LEU B 34 15.80 -22.67 10.91
C LEU B 34 16.56 -22.75 9.59
N LEU B 35 16.28 -23.78 8.80
CA LEU B 35 16.94 -24.01 7.53
C LEU B 35 15.95 -23.84 6.38
N GLU B 36 16.30 -23.00 5.41
CA GLU B 36 15.47 -22.72 4.25
C GLU B 36 16.33 -22.84 2.99
N ALA B 37 15.82 -23.56 1.99
CA ALA B 37 16.58 -23.82 0.79
C ALA B 37 16.61 -22.64 -0.18
N ASP B 38 15.63 -21.74 -0.10
CA ASP B 38 15.59 -20.55 -0.93
C ASP B 38 16.03 -19.33 -0.13
N LYS B 39 16.54 -18.32 -0.83
CA LYS B 39 16.82 -17.03 -0.23
C LYS B 39 15.63 -16.11 -0.48
N HIS B 40 15.08 -15.56 0.60
CA HIS B 40 13.98 -14.62 0.47
C HIS B 40 14.50 -13.26 -0.02
N PRO B 41 13.66 -12.50 -0.73
CA PRO B 41 12.29 -12.83 -1.16
C PRO B 41 12.25 -13.74 -2.39
N ARG B 42 11.30 -14.67 -2.40
CA ARG B 42 11.12 -15.60 -3.51
C ARG B 42 9.64 -15.77 -3.78
N TYR B 43 9.30 -15.99 -5.05
CA TYR B 43 7.90 -16.06 -5.44
C TYR B 43 7.22 -17.31 -4.88
N HIS B 44 5.98 -17.13 -4.45
CA HIS B 44 5.13 -18.23 -4.03
C HIS B 44 3.68 -17.78 -4.17
N ILE B 45 2.81 -18.68 -4.63
CA ILE B 45 1.40 -18.37 -4.80
C ILE B 45 0.66 -18.66 -3.50
N GLY B 46 -0.35 -17.83 -3.23
CA GLY B 46 -1.19 -17.91 -2.01
C GLY B 46 -1.26 -16.53 -1.38
N GLU B 47 -2.14 -15.67 -1.91
CA GLU B 47 -2.22 -14.26 -1.42
C GLU B 47 -3.49 -13.99 -0.62
N SER B 48 -4.56 -14.80 -0.74
CA SER B 48 -5.73 -14.42 0.04
C SER B 48 -5.63 -14.99 1.46
N MET B 49 -5.89 -14.13 2.45
CA MET B 49 -5.76 -14.48 3.86
C MET B 49 -7.15 -14.53 4.52
N LEU B 50 -7.15 -14.92 5.79
CA LEU B 50 -8.32 -14.97 6.64
C LEU B 50 -8.17 -13.98 7.80
N PRO B 51 -9.28 -13.59 8.45
CA PRO B 51 -9.17 -12.69 9.60
C PRO B 51 -8.54 -13.34 10.82
N SER B 52 -8.44 -14.68 10.85
CA SER B 52 -7.70 -15.36 11.90
C SER B 52 -6.21 -15.08 11.87
N ILE B 53 -5.72 -14.43 10.81
CA ILE B 53 -4.30 -14.10 10.73
C ILE B 53 -3.88 -13.16 11.85
N ARG B 54 -4.80 -12.31 12.33
CA ARG B 54 -4.41 -11.32 13.34
C ARG B 54 -4.15 -11.98 14.70
N PRO B 55 -5.07 -12.76 15.29
CA PRO B 55 -4.74 -13.42 16.57
C PRO B 55 -3.51 -14.30 16.49
N LEU B 56 -3.26 -14.95 15.35
CA LEU B 56 -2.06 -15.77 15.22
C LEU B 56 -0.81 -14.91 15.17
N LEU B 57 -0.82 -13.87 14.34
CA LEU B 57 0.34 -12.97 14.27
C LEU B 57 0.53 -12.21 15.58
N ARG B 58 -0.55 -11.96 16.34
CA ARG B 58 -0.42 -11.22 17.58
C ARG B 58 0.36 -12.00 18.63
N PHE B 59 0.18 -13.33 18.67
CA PHE B 59 0.91 -14.13 19.65
C PHE B 59 2.42 -13.99 19.48
N ILE B 60 2.90 -13.82 18.24
CA ILE B 60 4.32 -13.64 17.98
C ILE B 60 4.68 -12.17 17.77
N ASP B 61 3.75 -11.25 18.06
CA ASP B 61 3.99 -9.81 18.00
C ASP B 61 4.44 -9.38 16.60
N LEU B 62 3.81 -9.95 15.58
CA LEU B 62 4.07 -9.58 14.20
C LEU B 62 2.88 -8.90 13.52
N GLU B 63 1.73 -8.82 14.20
CA GLU B 63 0.52 -8.31 13.55
C GLU B 63 0.72 -6.90 13.00
N GLU B 64 1.23 -5.98 13.82
CA GLU B 64 1.31 -4.59 13.39
C GLU B 64 2.39 -4.40 12.34
N THR B 65 3.43 -5.22 12.34
CA THR B 65 4.44 -5.14 11.28
C THR B 65 3.83 -5.49 9.94
N PHE B 66 2.94 -6.47 9.90
CA PHE B 66 2.18 -6.75 8.68
C PHE B 66 1.27 -5.58 8.32
N GLU B 67 0.63 -4.98 9.32
CA GLU B 67 -0.23 -3.82 9.08
C GLU B 67 0.58 -2.66 8.50
N LYS B 68 1.77 -2.41 9.04
CA LYS B 68 2.59 -1.29 8.61
C LYS B 68 3.21 -1.49 7.23
N HIS B 69 3.20 -2.72 6.70
CA HIS B 69 3.80 -2.96 5.39
C HIS B 69 2.93 -2.42 4.26
N GLY B 70 1.61 -2.46 4.42
CA GLY B 70 0.71 -1.90 3.44
C GLY B 70 0.24 -2.86 2.38
N PHE B 71 -0.05 -4.10 2.76
CA PHE B 71 -0.70 -5.04 1.84
C PHE B 71 -2.11 -4.57 1.52
N GLN B 72 -2.60 -5.02 0.36
CA GLN B 72 -3.99 -4.74 -0.03
C GLN B 72 -4.95 -5.36 0.97
N LYS B 73 -5.75 -4.52 1.61
CA LYS B 73 -6.70 -5.00 2.60
C LYS B 73 -7.85 -5.75 1.94
N LYS B 74 -8.26 -6.85 2.56
CA LYS B 74 -9.42 -7.60 2.09
C LYS B 74 -10.48 -7.54 3.19
N LEU B 75 -11.61 -6.90 2.88
CA LEU B 75 -12.70 -6.78 3.82
C LEU B 75 -13.61 -8.00 3.79
N GLY B 76 -13.45 -8.88 2.81
CA GLY B 76 -14.28 -10.04 2.69
C GLY B 76 -13.98 -10.77 1.40
N ALA B 77 -14.85 -11.72 1.07
CA ALA B 77 -14.69 -12.49 -0.15
C ALA B 77 -16.06 -12.91 -0.66
N ALA B 78 -16.19 -12.95 -1.98
CA ALA B 78 -17.43 -13.32 -2.64
C ALA B 78 -17.28 -14.67 -3.31
N PHE B 79 -18.33 -15.49 -3.24
CA PHE B 79 -18.30 -16.86 -3.76
C PHE B 79 -19.58 -17.10 -4.54
N LYS B 80 -19.51 -16.93 -5.86
CA LYS B 80 -20.65 -17.20 -6.74
C LYS B 80 -20.56 -18.64 -7.21
N LEU B 81 -21.06 -19.55 -6.37
CA LEU B 81 -20.94 -20.98 -6.64
C LEU B 81 -21.68 -21.37 -7.90
N THR B 82 -22.87 -20.82 -8.12
CA THR B 82 -23.69 -21.16 -9.26
C THR B 82 -24.22 -19.90 -9.93
N ALA B 83 -25.12 -20.06 -10.91
CA ALA B 83 -25.67 -18.92 -11.62
C ALA B 83 -26.42 -17.96 -10.69
N LYS B 84 -26.79 -18.42 -9.50
CA LYS B 84 -27.44 -17.53 -8.54
C LYS B 84 -26.46 -16.45 -8.08
N ARG B 85 -26.99 -15.43 -7.41
CA ARG B 85 -26.14 -14.34 -6.93
C ARG B 85 -25.16 -14.86 -5.89
N GLU B 86 -23.98 -14.24 -5.86
CA GLU B 86 -22.88 -14.71 -5.04
C GLU B 86 -23.24 -14.74 -3.55
N GLY B 87 -22.59 -15.65 -2.84
CA GLY B 87 -22.51 -15.58 -1.39
C GLY B 87 -21.27 -14.82 -0.96
N TYR B 88 -21.37 -14.11 0.16
CA TYR B 88 -20.31 -13.21 0.59
C TYR B 88 -20.08 -13.32 2.09
N THR B 89 -18.82 -13.42 2.48
CA THR B 89 -18.41 -13.36 3.89
C THR B 89 -17.70 -12.04 4.14
N ASP B 90 -18.11 -11.33 5.19
CA ASP B 90 -17.58 -10.01 5.50
C ASP B 90 -16.74 -10.10 6.77
N PHE B 91 -15.46 -9.73 6.65
CA PHE B 91 -14.56 -9.75 7.80
C PHE B 91 -14.81 -8.56 8.73
N VAL B 92 -14.88 -7.35 8.16
CA VAL B 92 -15.04 -6.16 8.99
C VAL B 92 -16.40 -6.11 9.67
N ALA B 93 -17.41 -6.79 9.13
CA ALA B 93 -18.70 -6.87 9.84
C ALA B 93 -18.57 -7.70 11.11
N ALA B 94 -17.85 -8.82 11.04
CA ALA B 94 -17.76 -9.71 12.20
C ALA B 94 -16.73 -9.23 13.21
N HIS B 95 -15.56 -8.80 12.74
CA HIS B 95 -14.45 -8.46 13.61
C HIS B 95 -14.30 -6.95 13.82
N GLY B 96 -15.21 -6.15 13.28
CA GLY B 96 -15.16 -4.72 13.43
C GLY B 96 -14.33 -4.04 12.35
N PRO B 97 -14.33 -2.71 12.34
CA PRO B 97 -13.57 -1.99 11.31
C PRO B 97 -12.08 -2.22 11.36
N ASN B 98 -11.56 -2.72 12.47
CA ASN B 98 -10.14 -3.05 12.61
C ASN B 98 -9.84 -4.51 12.31
N GLY B 99 -10.82 -5.28 11.82
CA GLY B 99 -10.63 -6.69 11.63
C GLY B 99 -10.46 -7.17 10.20
N TYR B 100 -10.18 -6.27 9.26
CA TYR B 100 -9.92 -6.70 7.90
C TYR B 100 -8.64 -7.53 7.83
N SER B 101 -8.54 -8.35 6.79
CA SER B 101 -7.36 -9.14 6.51
C SER B 101 -6.60 -8.50 5.34
N TRP B 102 -5.80 -9.29 4.63
CA TRP B 102 -5.01 -8.78 3.52
C TRP B 102 -5.01 -9.75 2.36
N ASN B 103 -4.78 -9.19 1.16
CA ASN B 103 -4.31 -9.95 0.01
C ASN B 103 -2.82 -9.65 -0.13
N VAL B 104 -2.00 -10.70 -0.19
CA VAL B 104 -0.59 -10.59 0.16
C VAL B 104 0.27 -11.09 -0.99
N VAL B 105 1.22 -10.26 -1.41
CA VAL B 105 2.33 -10.72 -2.25
C VAL B 105 3.23 -11.60 -1.38
N ARG B 106 3.20 -12.90 -1.62
CA ARG B 106 3.82 -13.86 -0.71
C ARG B 106 5.33 -13.76 -0.66
N SER B 107 5.98 -13.22 -1.70
CA SER B 107 7.41 -13.03 -1.65
C SER B 107 7.84 -12.14 -0.49
N GLU B 108 6.97 -11.22 -0.08
CA GLU B 108 7.29 -10.24 0.95
C GLU B 108 6.83 -10.64 2.34
N SER B 109 5.68 -11.30 2.47
CA SER B 109 5.22 -11.74 3.79
C SER B 109 6.08 -12.88 4.31
N ASP B 110 6.45 -13.81 3.43
CA ASP B 110 7.34 -14.89 3.84
C ASP B 110 8.70 -14.35 4.27
N GLU B 111 9.13 -13.24 3.67
CA GLU B 111 10.34 -12.57 4.14
C GLU B 111 10.12 -11.93 5.50
N LEU B 112 8.98 -11.25 5.67
CA LEU B 112 8.66 -10.64 6.96
C LEU B 112 8.63 -11.69 8.06
N LEU B 113 7.99 -12.82 7.81
CA LEU B 113 8.00 -13.91 8.77
C LEU B 113 9.40 -14.46 8.99
N PHE B 114 10.17 -14.62 7.90
CA PHE B 114 11.51 -15.20 8.02
C PHE B 114 12.44 -14.26 8.78
N LYS B 115 12.41 -12.97 8.48
CA LYS B 115 13.25 -12.03 9.22
C LYS B 115 12.76 -11.86 10.65
N HIS B 116 11.45 -11.97 10.88
CA HIS B 116 10.94 -11.93 12.25
C HIS B 116 11.44 -13.09 13.07
N ALA B 117 11.62 -14.26 12.45
CA ALA B 117 12.17 -15.41 13.16
C ALA B 117 13.60 -15.16 13.61
N ALA B 118 14.40 -14.50 12.76
CA ALA B 118 15.75 -14.15 13.15
C ALA B 118 15.75 -13.10 14.25
N LYS B 119 14.91 -12.07 14.11
CA LYS B 119 14.81 -11.05 15.15
C LYS B 119 14.22 -11.62 16.44
N SER B 120 13.45 -12.70 16.35
CA SER B 120 12.95 -13.39 17.54
C SER B 120 14.04 -14.19 18.25
N GLY B 121 15.20 -14.36 17.63
CA GLY B 121 16.29 -15.10 18.23
C GLY B 121 16.52 -16.48 17.70
N ALA B 122 15.86 -16.88 16.61
CA ALA B 122 16.16 -18.13 15.96
C ALA B 122 17.34 -17.96 15.01
N LEU B 123 18.16 -19.01 14.90
CA LEU B 123 19.25 -19.02 13.94
C LEU B 123 18.71 -19.37 12.56
N THR B 124 18.66 -18.39 11.67
CA THR B 124 18.06 -18.55 10.35
C THR B 124 19.16 -18.63 9.30
N PHE B 125 19.05 -19.60 8.40
CA PHE B 125 20.00 -19.78 7.32
C PHE B 125 19.25 -20.01 6.03
N GLN B 126 19.73 -19.39 4.95
CA GLN B 126 19.09 -19.46 3.65
C GLN B 126 20.00 -20.17 2.66
N GLY B 127 19.39 -20.80 1.67
CA GLY B 127 20.14 -21.61 0.73
C GLY B 127 20.64 -22.90 1.31
N VAL B 128 20.10 -23.32 2.45
CA VAL B 128 20.52 -24.54 3.14
C VAL B 128 19.37 -25.55 3.03
N LYS B 129 19.64 -26.67 2.38
CA LYS B 129 18.63 -27.66 2.05
C LYS B 129 18.84 -28.90 2.92
N VAL B 130 17.79 -29.32 3.62
CA VAL B 130 17.85 -30.52 4.45
C VAL B 130 17.87 -31.73 3.52
N ASP B 131 19.02 -32.39 3.42
CA ASP B 131 19.17 -33.50 2.49
C ASP B 131 18.56 -34.79 3.03
N SER B 132 18.75 -35.06 4.32
CA SER B 132 18.27 -36.31 4.88
C SER B 132 18.03 -36.14 6.38
N LEU B 133 17.23 -37.05 6.94
CA LEU B 133 16.94 -37.10 8.36
C LEU B 133 17.33 -38.47 8.90
N GLU B 134 17.95 -38.48 10.08
CA GLU B 134 18.45 -39.70 10.70
C GLU B 134 17.57 -40.05 11.89
N PHE B 135 16.72 -41.06 11.71
CA PHE B 135 15.80 -41.52 12.75
C PHE B 135 16.46 -42.62 13.58
N GLU B 136 16.73 -42.32 14.85
CA GLU B 136 17.22 -43.37 15.73
C GLU B 136 16.04 -44.22 16.22
N PRO B 137 16.30 -45.50 16.54
CA PRO B 137 15.21 -46.36 17.01
C PRO B 137 14.63 -45.91 18.34
N TYR B 138 13.31 -45.78 18.38
CA TYR B 138 12.54 -45.53 19.60
C TYR B 138 11.71 -46.78 19.85
N ASP B 139 12.37 -47.80 20.39
CA ASP B 139 11.77 -49.11 20.61
C ASP B 139 10.90 -49.18 21.86
N SER B 140 10.41 -48.04 22.33
CA SER B 140 9.61 -47.95 23.54
C SER B 140 8.15 -47.72 23.16
N ASP B 141 7.25 -48.07 24.09
CA ASP B 141 5.83 -47.88 23.85
C ASP B 141 5.52 -46.42 23.57
N PHE B 142 4.72 -46.18 22.53
CA PHE B 142 4.37 -44.83 22.10
C PHE B 142 3.00 -44.91 21.46
N PRO B 143 1.93 -44.84 22.25
CA PRO B 143 0.59 -45.05 21.69
C PRO B 143 0.06 -43.83 20.96
N SER B 144 -0.92 -44.09 20.12
CA SER B 144 -1.59 -43.06 19.33
C SER B 144 -3.09 -43.07 19.59
N GLY B 145 -3.71 -41.93 19.31
CA GLY B 145 -5.15 -41.84 19.18
C GLY B 145 -5.59 -42.06 17.76
N GLY B 146 -4.67 -42.44 16.89
CA GLY B 146 -4.93 -42.65 15.48
C GLY B 146 -4.34 -41.61 14.55
N LYS B 147 -3.34 -40.84 15.00
CA LYS B 147 -2.81 -39.76 14.17
C LYS B 147 -1.36 -39.44 14.44
N VAL B 148 -0.63 -40.28 15.19
CA VAL B 148 0.82 -40.17 15.32
C VAL B 148 1.43 -41.52 14.98
N ALA B 149 2.68 -41.49 14.52
CA ALA B 149 3.39 -42.71 14.13
C ALA B 149 4.77 -42.71 14.76
N ASN B 150 5.39 -43.90 14.80
CA ASN B 150 6.69 -44.10 15.42
C ASN B 150 7.65 -44.66 14.39
N PRO B 151 8.23 -43.80 13.54
CA PRO B 151 9.33 -44.25 12.67
C PRO B 151 10.67 -44.17 13.39
N GLY B 152 10.61 -44.08 14.72
CA GLY B 152 11.77 -43.75 15.52
C GLY B 152 11.80 -42.27 15.84
N ARG B 153 12.87 -41.86 16.52
CA ARG B 153 13.04 -40.46 16.89
C ARG B 153 14.07 -39.82 15.98
N PRO B 154 13.74 -38.72 15.28
CA PRO B 154 14.76 -38.02 14.49
C PRO B 154 15.69 -37.24 15.41
N VAL B 155 17.00 -37.38 15.18
CA VAL B 155 18.02 -36.78 16.04
C VAL B 155 19.10 -36.01 15.29
N ALA B 156 19.25 -36.17 13.98
CA ALA B 156 20.25 -35.43 13.22
C ALA B 156 19.69 -35.22 11.82
N ALA B 157 20.16 -34.18 11.17
CA ALA B 157 19.78 -33.91 9.79
C ALA B 157 21.02 -33.52 9.00
N ARG B 158 21.19 -34.10 7.83
CA ARG B 158 22.26 -33.71 6.94
C ARG B 158 21.80 -32.55 6.04
N TRP B 159 22.69 -31.58 5.85
CA TRP B 159 22.33 -30.38 5.11
C TRP B 159 23.46 -29.99 4.18
N SER B 160 23.10 -29.27 3.11
CA SER B 160 24.07 -28.77 2.15
C SER B 160 23.71 -27.34 1.77
N ALA B 161 24.73 -26.56 1.43
CA ALA B 161 24.55 -25.21 0.93
C ALA B 161 25.19 -25.10 -0.44
N LYS B 162 24.59 -24.28 -1.30
CA LYS B 162 25.06 -24.18 -2.68
C LYS B 162 26.42 -23.50 -2.79
N ASP B 163 26.87 -22.79 -1.76
CA ASP B 163 28.20 -22.19 -1.81
C ASP B 163 29.31 -23.22 -1.59
N GLY B 164 28.95 -24.47 -1.31
CA GLY B 164 29.89 -25.57 -1.20
C GLY B 164 30.05 -26.14 0.19
N ARG B 165 29.65 -25.42 1.23
CA ARG B 165 29.70 -25.98 2.57
C ARG B 165 28.63 -27.04 2.77
N SER B 166 28.91 -27.98 3.67
CA SER B 166 28.00 -29.06 3.98
C SER B 166 28.31 -29.59 5.38
N GLY B 167 27.33 -30.24 5.99
CA GLY B 167 27.54 -30.74 7.33
C GLY B 167 26.30 -31.45 7.86
N THR B 168 26.30 -31.67 9.17
CA THR B 168 25.22 -32.35 9.86
C THR B 168 24.94 -31.61 11.16
N ILE B 169 23.66 -31.53 11.52
CA ILE B 169 23.23 -30.83 12.73
C ILE B 169 22.40 -31.78 13.58
N SER B 170 22.70 -31.82 14.88
CA SER B 170 21.93 -32.59 15.84
C SER B 170 20.86 -31.71 16.47
N PHE B 171 19.76 -32.34 16.89
CA PHE B 171 18.65 -31.60 17.48
C PHE B 171 17.87 -32.51 18.41
N GLN B 172 17.14 -31.89 19.34
CA GLN B 172 16.28 -32.62 20.26
C GLN B 172 14.85 -32.75 19.75
N TYR B 173 14.36 -31.76 19.01
CA TYR B 173 13.04 -31.81 18.38
C TYR B 173 13.15 -31.39 16.92
N LEU B 174 12.25 -31.93 16.09
CA LEU B 174 12.15 -31.57 14.69
C LEU B 174 10.78 -30.98 14.40
N VAL B 175 10.77 -29.88 13.65
CA VAL B 175 9.54 -29.30 13.11
C VAL B 175 9.61 -29.42 11.60
N ASP B 176 8.73 -30.23 11.01
CA ASP B 176 8.69 -30.40 9.56
C ASP B 176 7.72 -29.38 8.97
N ALA B 177 8.27 -28.30 8.41
CA ALA B 177 7.52 -27.31 7.65
C ALA B 177 7.95 -27.30 6.18
N THR B 178 8.39 -28.45 5.68
CA THR B 178 9.04 -28.52 4.37
C THR B 178 8.12 -28.11 3.24
N GLY B 179 6.81 -28.34 3.36
CA GLY B 179 5.90 -27.92 2.33
C GLY B 179 5.39 -29.06 1.48
N ARG B 180 5.16 -28.81 0.19
CA ARG B 180 4.72 -29.87 -0.70
C ARG B 180 5.71 -31.03 -0.76
N ALA B 181 7.00 -30.73 -0.60
CA ALA B 181 8.01 -31.79 -0.61
C ALA B 181 7.76 -32.80 0.51
N GLY B 182 7.35 -32.33 1.68
CA GLY B 182 6.92 -33.20 2.77
C GLY B 182 7.92 -34.28 3.11
N ILE B 183 9.12 -33.88 3.50
CA ILE B 183 10.24 -34.82 3.61
C ILE B 183 9.89 -35.98 4.54
N THR B 184 9.27 -35.69 5.69
CA THR B 184 8.94 -36.76 6.63
C THR B 184 7.76 -37.57 6.13
N SER B 185 6.71 -36.90 5.66
CA SER B 185 5.50 -37.62 5.27
C SER B 185 5.68 -38.40 3.98
N THR B 186 6.49 -37.89 3.05
CA THR B 186 6.64 -38.49 1.73
C THR B 186 7.88 -39.36 1.58
N LYS B 187 8.93 -39.14 2.37
CA LYS B 187 10.24 -39.74 2.07
C LYS B 187 10.86 -40.50 3.23
N TYR B 188 10.19 -40.60 4.38
CA TYR B 188 10.62 -41.48 5.47
C TYR B 188 9.39 -42.23 5.92
N LEU B 189 8.31 -41.49 6.15
CA LEU B 189 6.98 -42.06 6.11
C LEU B 189 6.50 -42.00 4.67
N LYS B 190 5.41 -42.70 4.38
CA LYS B 190 4.86 -42.65 3.03
C LYS B 190 3.36 -42.80 3.20
N ASN B 191 2.77 -41.82 3.88
CA ASN B 191 1.42 -41.87 4.40
C ASN B 191 0.52 -40.76 3.85
N ARG B 192 0.93 -40.14 2.75
CA ARG B 192 0.08 -39.15 2.10
C ARG B 192 -1.13 -39.85 1.47
N LYS B 193 -2.32 -39.40 1.84
CA LYS B 193 -3.57 -39.97 1.37
C LYS B 193 -4.24 -38.91 0.50
N PHE B 194 -4.13 -39.07 -0.81
CA PHE B 194 -4.74 -38.11 -1.72
C PHE B 194 -6.25 -38.33 -1.79
N ASN B 195 -6.97 -37.24 -1.97
CA ASN B 195 -8.41 -37.30 -2.21
C ASN B 195 -8.62 -37.26 -3.73
N GLU B 196 -9.13 -38.37 -4.27
CA GLU B 196 -9.25 -38.49 -5.72
C GLU B 196 -10.22 -37.48 -6.32
N GLY B 197 -11.18 -36.99 -5.53
CA GLY B 197 -12.09 -35.99 -6.03
C GLY B 197 -11.48 -34.61 -6.17
N LEU B 198 -10.35 -34.36 -5.50
CA LEU B 198 -9.73 -33.05 -5.48
C LEU B 198 -8.30 -33.11 -6.03
N LYS B 199 -8.03 -34.06 -6.92
CA LYS B 199 -6.73 -34.19 -7.57
C LYS B 199 -6.66 -33.14 -8.69
N ASN B 200 -6.58 -31.89 -8.26
CA ASN B 200 -6.77 -30.75 -9.14
C ASN B 200 -5.44 -30.22 -9.69
N LEU B 201 -5.54 -29.48 -10.80
CA LEU B 201 -4.45 -28.70 -11.36
C LEU B 201 -4.88 -27.24 -11.43
N ALA B 202 -3.89 -26.34 -11.43
CA ALA B 202 -4.18 -24.92 -11.43
C ALA B 202 -3.25 -24.18 -12.38
N ILE B 203 -3.78 -23.10 -12.97
CA ILE B 203 -3.02 -22.16 -13.78
C ILE B 203 -3.40 -20.76 -13.32
N TRP B 204 -2.46 -19.82 -13.44
CA TRP B 204 -2.72 -18.47 -12.96
C TRP B 204 -1.82 -17.47 -13.66
N GLY B 205 -2.19 -16.19 -13.51
CA GLY B 205 -1.41 -15.07 -14.00
C GLY B 205 -1.89 -13.79 -13.36
N TYR B 206 -1.07 -12.75 -13.49
CA TYR B 206 -1.36 -11.44 -12.90
C TYR B 206 -1.70 -10.45 -14.01
N TYR B 207 -2.78 -9.70 -13.81
CA TYR B 207 -3.31 -8.79 -14.82
C TYR B 207 -3.41 -7.36 -14.27
N LYS B 208 -3.11 -6.39 -15.12
CA LYS B 208 -3.21 -4.97 -14.80
C LYS B 208 -4.41 -4.36 -15.52
N GLY B 209 -5.03 -3.38 -14.87
CA GLY B 209 -6.08 -2.60 -15.48
C GLY B 209 -7.46 -3.23 -15.51
N ALA B 210 -7.63 -4.42 -14.94
CA ALA B 210 -8.96 -5.00 -14.85
C ALA B 210 -9.83 -4.14 -13.94
N ARG B 211 -11.17 -4.14 -14.21
CA ARG B 211 -11.81 -3.18 -13.34
C ARG B 211 -12.47 -3.88 -12.16
N PRO B 212 -12.48 -3.23 -10.98
CA PRO B 212 -12.88 -3.91 -9.75
C PRO B 212 -14.30 -4.46 -9.79
N TRP B 213 -14.54 -5.49 -8.98
CA TRP B 213 -15.88 -5.99 -8.71
C TRP B 213 -16.58 -5.08 -7.71
N ALA B 214 -17.90 -4.98 -7.87
CA ALA B 214 -18.76 -4.20 -6.98
C ALA B 214 -18.26 -2.76 -6.87
N GLU B 215 -17.98 -2.15 -8.03
CA GLU B 215 -17.47 -0.79 -8.10
C GLU B 215 -18.40 0.18 -7.38
N GLY B 216 -17.83 1.05 -6.55
CA GLY B 216 -18.60 2.03 -5.82
C GLY B 216 -19.25 1.47 -4.57
N THR B 217 -19.60 0.19 -4.63
CA THR B 217 -20.22 -0.49 -3.50
C THR B 217 -19.24 -0.60 -2.34
N PRO B 218 -19.74 -0.65 -1.08
CA PRO B 218 -18.85 -0.87 0.07
C PRO B 218 -18.05 -2.17 0.01
N ARG B 219 -18.16 -2.91 -1.08
CA ARG B 219 -17.45 -4.17 -1.27
C ARG B 219 -16.58 -4.13 -2.53
N GLU B 220 -16.10 -2.94 -2.89
CA GLU B 220 -15.35 -2.76 -4.12
C GLU B 220 -14.01 -3.49 -4.07
N ASN B 221 -13.65 -4.11 -5.19
CA ASN B 221 -12.33 -4.73 -5.38
C ASN B 221 -11.99 -5.74 -4.30
N GLN B 222 -13.00 -6.42 -3.78
CA GLN B 222 -12.71 -7.50 -2.85
C GLN B 222 -12.44 -8.80 -3.61
N PRO B 223 -11.69 -9.73 -3.03
CA PRO B 223 -11.44 -11.01 -3.70
C PRO B 223 -12.73 -11.69 -4.13
N TYR B 224 -12.72 -12.26 -5.33
CA TYR B 224 -13.91 -12.81 -5.96
C TYR B 224 -13.63 -14.21 -6.49
N PHE B 225 -14.48 -15.16 -6.12
CA PHE B 225 -14.39 -16.54 -6.54
C PHE B 225 -15.74 -16.95 -7.13
N GLU B 226 -15.72 -17.62 -8.28
CA GLU B 226 -16.95 -18.18 -8.83
C GLU B 226 -16.67 -19.49 -9.53
N GLY B 227 -17.63 -20.40 -9.44
CA GLY B 227 -17.53 -21.68 -10.13
C GLY B 227 -17.87 -21.57 -11.61
N MET B 228 -17.22 -22.41 -12.40
CA MET B 228 -17.51 -22.48 -13.83
C MET B 228 -18.96 -22.91 -14.06
N ARG B 229 -19.60 -22.28 -15.06
CA ARG B 229 -21.03 -22.52 -15.26
C ARG B 229 -21.33 -23.96 -15.66
N ASP B 230 -20.35 -24.66 -16.26
CA ASP B 230 -20.55 -26.06 -16.56
C ASP B 230 -20.23 -26.97 -15.39
N GLY B 231 -19.67 -26.44 -14.30
CA GLY B 231 -19.39 -27.23 -13.13
C GLY B 231 -18.03 -27.90 -13.10
N ALA B 232 -17.17 -27.65 -14.08
CA ALA B 232 -15.89 -28.35 -14.16
C ALA B 232 -14.86 -27.84 -13.17
N GLY B 233 -15.03 -26.64 -12.63
CA GLY B 233 -14.05 -26.08 -11.73
C GLY B 233 -14.44 -24.68 -11.28
N TRP B 234 -13.44 -23.90 -10.89
CA TRP B 234 -13.67 -22.56 -10.39
C TRP B 234 -12.46 -21.67 -10.65
N CYS B 235 -12.70 -20.36 -10.63
CA CYS B 235 -11.68 -19.36 -10.88
C CYS B 235 -11.64 -18.37 -9.73
N TRP B 236 -10.53 -17.63 -9.65
CA TRP B 236 -10.37 -16.62 -8.60
C TRP B 236 -9.84 -15.32 -9.17
N THR B 237 -10.16 -14.22 -8.49
CA THR B 237 -9.49 -12.94 -8.68
C THR B 237 -9.07 -12.39 -7.32
N ILE B 238 -7.79 -12.06 -7.18
CA ILE B 238 -7.24 -11.54 -5.93
C ILE B 238 -6.42 -10.29 -6.22
N PRO B 239 -6.94 -9.09 -5.93
CA PRO B 239 -6.16 -7.87 -6.21
C PRO B 239 -5.05 -7.66 -5.19
N LEU B 240 -3.92 -7.16 -5.67
CA LEU B 240 -2.72 -7.02 -4.86
C LEU B 240 -2.19 -5.59 -4.94
N HIS B 241 -1.37 -5.23 -3.96
CA HIS B 241 -0.78 -3.89 -3.92
C HIS B 241 0.24 -3.67 -5.04
N ASN B 242 0.74 -4.73 -5.67
CA ASN B 242 1.66 -4.58 -6.79
C ASN B 242 1.01 -3.92 -8.01
N GLY B 243 -0.24 -3.50 -7.92
CA GLY B 243 -0.97 -2.95 -9.04
C GLY B 243 -1.63 -3.96 -9.95
N THR B 244 -1.41 -5.25 -9.71
CA THR B 244 -2.04 -6.31 -10.50
C THR B 244 -3.10 -7.02 -9.68
N VAL B 245 -3.97 -7.75 -10.39
CA VAL B 245 -4.94 -8.65 -9.77
C VAL B 245 -4.53 -10.07 -10.10
N SER B 246 -4.49 -10.93 -9.09
CA SER B 246 -4.17 -12.33 -9.29
C SER B 246 -5.39 -13.07 -9.84
N VAL B 247 -5.21 -13.74 -10.98
CA VAL B 247 -6.29 -14.45 -11.65
C VAL B 247 -5.82 -15.87 -11.91
N GLY B 248 -6.71 -16.85 -11.70
CA GLY B 248 -6.35 -18.24 -11.91
C GLY B 248 -7.58 -19.10 -12.03
N ALA B 249 -7.34 -20.36 -12.43
CA ALA B 249 -8.40 -21.33 -12.65
C ALA B 249 -7.97 -22.69 -12.12
N VAL B 250 -8.92 -23.43 -11.56
CA VAL B 250 -8.68 -24.73 -10.95
C VAL B 250 -9.60 -25.77 -11.58
N LEU B 251 -9.03 -26.88 -12.01
CA LEU B 251 -9.78 -27.99 -12.59
C LEU B 251 -9.19 -29.30 -12.12
N ARG B 252 -10.05 -30.32 -12.02
CA ARG B 252 -9.54 -31.67 -11.77
C ARG B 252 -8.62 -32.11 -12.91
N SER B 253 -7.68 -32.98 -12.59
CA SER B 253 -6.62 -33.32 -13.53
C SER B 253 -7.18 -33.90 -14.83
N ASP B 254 -8.21 -34.75 -14.72
CA ASP B 254 -8.82 -35.32 -15.93
C ASP B 254 -9.61 -34.27 -16.69
N LEU B 255 -10.43 -33.49 -15.98
CA LEU B 255 -11.23 -32.45 -16.62
C LEU B 255 -10.36 -31.33 -17.18
N PHE B 256 -9.12 -31.19 -16.72
CA PHE B 256 -8.24 -30.16 -17.24
C PHE B 256 -7.82 -30.47 -18.68
N PHE B 257 -7.31 -31.68 -18.91
CA PHE B 257 -6.90 -32.09 -20.25
C PHE B 257 -8.08 -32.48 -21.13
N ALA B 258 -9.26 -32.70 -20.55
CA ALA B 258 -10.47 -32.86 -21.34
C ALA B 258 -10.84 -31.57 -22.07
N LYS B 259 -10.21 -30.46 -21.73
CA LYS B 259 -10.34 -29.21 -22.46
C LYS B 259 -9.09 -28.88 -23.28
N LYS B 260 -8.15 -29.81 -23.36
CA LYS B 260 -7.03 -29.69 -24.29
C LYS B 260 -7.45 -30.05 -25.72
N LYS B 261 -8.73 -30.35 -25.93
CA LYS B 261 -9.28 -30.66 -27.25
C LYS B 261 -9.05 -29.50 -28.23
N VAL B 267 1.84 -21.07 -26.44
CA VAL B 267 1.14 -20.39 -25.35
C VAL B 267 -0.17 -21.10 -25.03
N THR B 268 -0.15 -22.43 -25.08
CA THR B 268 -1.34 -23.22 -24.74
C THR B 268 -1.86 -22.88 -23.35
N ASN B 269 -0.96 -22.63 -22.40
CA ASN B 269 -1.37 -22.28 -21.05
C ASN B 269 -2.15 -20.96 -21.05
N ALA B 270 -1.71 -20.00 -21.86
CA ALA B 270 -2.43 -18.73 -21.96
C ALA B 270 -3.77 -18.89 -22.65
N MET B 271 -3.91 -19.90 -23.51
CA MET B 271 -5.16 -20.10 -24.22
C MET B 271 -6.21 -20.78 -23.34
N ILE B 272 -5.81 -21.84 -22.63
CA ILE B 272 -6.74 -22.47 -21.69
C ILE B 272 -7.11 -21.52 -20.58
N MET B 273 -6.20 -20.59 -20.23
CA MET B 273 -6.55 -19.52 -19.31
C MET B 273 -7.73 -18.70 -19.84
N ALA B 274 -7.73 -18.39 -21.14
CA ALA B 274 -8.82 -17.65 -21.73
C ALA B 274 -10.06 -18.52 -21.91
N GLU B 275 -9.87 -19.79 -22.27
CA GLU B 275 -11.00 -20.69 -22.48
C GLU B 275 -11.75 -20.96 -21.19
N CYS B 276 -11.02 -21.28 -20.12
CA CYS B 276 -11.64 -21.49 -18.81
C CYS B 276 -12.27 -20.19 -18.29
N MET B 277 -11.70 -19.05 -18.66
CA MET B 277 -12.25 -17.76 -18.27
C MET B 277 -13.64 -17.52 -18.84
N LYS B 278 -13.93 -18.10 -20.01
CA LYS B 278 -15.24 -17.92 -20.64
C LYS B 278 -16.37 -18.48 -19.78
N LEU B 279 -16.11 -19.56 -19.04
CA LEU B 279 -17.13 -20.20 -18.23
C LEU B 279 -17.37 -19.49 -16.90
N CYS B 280 -16.74 -18.35 -16.66
CA CYS B 280 -16.96 -17.53 -15.47
C CYS B 280 -17.41 -16.14 -15.93
N PRO B 281 -18.71 -15.94 -16.13
CA PRO B 281 -19.17 -14.70 -16.78
C PRO B 281 -18.79 -13.42 -16.06
N THR B 282 -18.74 -13.44 -14.72
CA THR B 282 -18.39 -12.22 -14.02
C THR B 282 -16.88 -12.00 -14.02
N ILE B 283 -16.10 -13.07 -13.88
CA ILE B 283 -14.66 -12.97 -14.08
C ILE B 283 -14.37 -12.50 -15.50
N LYS B 284 -15.09 -13.04 -16.48
CA LYS B 284 -14.96 -12.60 -17.86
C LYS B 284 -15.25 -11.12 -18.01
N GLU B 285 -16.25 -10.61 -17.30
CA GLU B 285 -16.59 -9.19 -17.39
C GLU B 285 -15.53 -8.30 -16.77
N LEU B 286 -14.97 -8.72 -15.63
CA LEU B 286 -13.97 -7.90 -14.95
C LEU B 286 -12.68 -7.79 -15.76
N LEU B 287 -12.29 -8.86 -16.45
CA LEU B 287 -11.04 -8.88 -17.19
C LEU B 287 -11.18 -8.35 -18.61
N GLU B 288 -12.28 -7.66 -18.92
CA GLU B 288 -12.44 -7.08 -20.26
C GLU B 288 -11.34 -6.10 -20.62
N PRO B 289 -11.00 -5.10 -19.80
CA PRO B 289 -9.90 -4.19 -20.15
C PRO B 289 -8.54 -4.59 -19.62
N ALA B 290 -8.37 -5.84 -19.16
CA ALA B 290 -7.19 -6.22 -18.41
C ALA B 290 -5.96 -6.26 -19.31
N GLU B 291 -4.81 -5.93 -18.73
CA GLU B 291 -3.52 -6.01 -19.39
C GLU B 291 -2.70 -7.08 -18.69
N LEU B 292 -2.21 -8.05 -19.46
CA LEU B 292 -1.34 -9.08 -18.90
C LEU B 292 0.06 -8.54 -18.69
N VAL B 293 0.57 -8.66 -17.46
CA VAL B 293 1.94 -8.30 -17.16
C VAL B 293 2.78 -9.49 -16.70
N SER B 294 2.18 -10.56 -16.22
CA SER B 294 2.90 -11.71 -15.71
C SER B 294 3.03 -12.82 -16.74
N ASP B 295 3.93 -13.76 -16.45
CA ASP B 295 3.90 -15.05 -17.09
C ASP B 295 2.76 -15.89 -16.51
N ILE B 296 2.19 -16.75 -17.34
CA ILE B 296 1.11 -17.63 -16.92
C ILE B 296 1.70 -18.98 -16.56
N LYS B 297 1.55 -19.38 -15.30
CA LYS B 297 2.26 -20.51 -14.73
C LYS B 297 1.27 -21.58 -14.27
N GLN B 298 1.69 -22.83 -14.41
CA GLN B 298 0.92 -24.00 -14.02
C GLN B 298 1.62 -24.72 -12.87
N ALA B 299 0.82 -25.32 -11.98
CA ALA B 299 1.36 -26.11 -10.89
C ALA B 299 0.36 -27.18 -10.47
N THR B 300 0.88 -28.21 -9.82
CA THR B 300 0.04 -29.27 -9.27
C THR B 300 -0.65 -28.77 -7.99
N ASP B 301 -1.88 -29.24 -7.80
CA ASP B 301 -2.73 -28.73 -6.73
C ASP B 301 -3.57 -29.83 -6.12
N TYR B 302 -2.96 -31.01 -5.94
CA TYR B 302 -3.70 -32.14 -5.36
C TYR B 302 -3.94 -31.92 -3.87
N SER B 303 -5.10 -32.35 -3.41
CA SER B 303 -5.44 -32.31 -2.00
C SER B 303 -5.09 -33.66 -1.36
N TYR B 304 -4.54 -33.61 -0.14
CA TYR B 304 -4.08 -34.82 0.52
C TYR B 304 -4.11 -34.62 2.02
N SER B 305 -4.25 -35.74 2.74
CA SER B 305 -4.05 -35.80 4.18
C SER B 305 -2.89 -36.74 4.48
N ALA B 306 -2.63 -36.98 5.76
CA ALA B 306 -1.60 -37.92 6.17
C ALA B 306 -2.13 -38.78 7.31
N SER B 307 -1.60 -40.01 7.39
CA SER B 307 -1.99 -40.91 8.47
C SER B 307 -1.48 -40.44 9.82
N ALA B 308 -0.47 -39.57 9.84
CA ALA B 308 0.08 -39.06 11.08
C ALA B 308 0.69 -37.69 10.84
N TYR B 309 0.57 -36.82 11.83
CA TYR B 309 1.10 -35.46 11.74
C TYR B 309 2.16 -35.17 12.80
N ALA B 310 2.52 -36.16 13.61
CA ALA B 310 3.52 -35.98 14.64
C ALA B 310 4.00 -37.36 15.08
N GLY B 311 5.07 -37.38 15.87
CA GLY B 311 5.60 -38.60 16.42
C GLY B 311 6.55 -38.34 17.57
N PRO B 312 7.44 -39.30 17.85
CA PRO B 312 8.43 -39.11 18.91
C PRO B 312 9.32 -37.91 18.64
N TYR B 313 9.02 -36.80 19.31
CA TYR B 313 9.84 -35.59 19.29
C TYR B 313 9.97 -35.00 17.88
N PHE B 314 8.91 -35.08 17.08
CA PHE B 314 8.87 -34.32 15.84
C PHE B 314 7.42 -33.92 15.54
N ARG B 315 7.27 -32.80 14.83
CA ARG B 315 5.97 -32.23 14.49
C ARG B 315 5.92 -31.92 13.00
N ILE B 316 4.78 -32.22 12.39
CA ILE B 316 4.54 -31.90 10.98
C ILE B 316 3.49 -30.79 10.92
N VAL B 317 3.78 -29.76 10.12
CA VAL B 317 2.92 -28.58 10.04
C VAL B 317 2.76 -28.17 8.57
N GLY B 318 1.60 -27.58 8.26
CA GLY B 318 1.31 -27.05 6.95
C GLY B 318 1.25 -28.11 5.87
N ASP B 319 1.69 -27.71 4.67
CA ASP B 319 1.63 -28.60 3.51
C ASP B 319 2.46 -29.87 3.68
N ALA B 320 3.43 -29.86 4.59
CA ALA B 320 4.19 -31.08 4.87
C ALA B 320 3.29 -32.20 5.36
N GLY B 321 2.12 -31.87 5.91
CA GLY B 321 1.19 -32.87 6.38
C GLY B 321 -0.03 -33.03 5.50
N CYS B 322 -0.75 -31.93 5.26
CA CYS B 322 -2.04 -32.01 4.58
C CYS B 322 -2.24 -30.77 3.71
N PHE B 323 -3.11 -30.93 2.72
CA PHE B 323 -3.44 -29.85 1.79
C PHE B 323 -4.89 -30.00 1.36
N ILE B 324 -5.57 -28.87 1.21
CA ILE B 324 -6.97 -28.84 0.78
C ILE B 324 -7.11 -27.77 -0.30
N ASP B 325 -8.06 -27.98 -1.21
CA ASP B 325 -8.26 -27.10 -2.35
C ASP B 325 -8.41 -25.65 -1.87
N PRO B 326 -7.63 -24.71 -2.44
CA PRO B 326 -7.56 -23.36 -1.87
C PRO B 326 -8.79 -22.49 -2.13
N PHE B 327 -9.98 -23.09 -2.21
CA PHE B 327 -11.17 -22.31 -2.52
C PHE B 327 -11.48 -21.30 -1.41
N PHE B 328 -11.32 -21.69 -0.15
CA PHE B 328 -11.62 -20.83 0.98
C PHE B 328 -10.37 -20.28 1.65
N SER B 329 -9.26 -20.20 0.91
CA SER B 329 -8.04 -19.51 1.36
C SER B 329 -7.57 -20.02 2.72
N SER B 330 -7.49 -21.34 2.85
CA SER B 330 -7.17 -21.98 4.11
C SER B 330 -5.69 -22.28 4.28
N GLY B 331 -4.88 -22.17 3.22
CA GLY B 331 -3.53 -22.69 3.28
C GLY B 331 -2.64 -21.95 4.27
N HIS B 332 -2.62 -20.62 4.18
CA HIS B 332 -1.75 -19.84 5.07
C HIS B 332 -2.23 -19.90 6.50
N HIS B 333 -3.55 -19.93 6.71
CA HIS B 333 -4.12 -20.08 8.04
C HIS B 333 -3.68 -21.39 8.69
N LEU B 334 -3.94 -22.51 8.01
CA LEU B 334 -3.62 -23.81 8.59
C LEU B 334 -2.12 -23.98 8.83
N ALA B 335 -1.29 -23.31 8.05
CA ALA B 335 0.16 -23.37 8.26
C ALA B 335 0.53 -22.79 9.62
N MET B 336 0.11 -21.54 9.88
CA MET B 336 0.47 -20.89 11.13
C MET B 336 -0.28 -21.48 12.31
N ALA B 337 -1.52 -21.94 12.11
CA ALA B 337 -2.28 -22.54 13.19
C ALA B 337 -1.63 -23.84 13.66
N GLY B 338 -1.08 -24.62 12.72
CA GLY B 338 -0.32 -25.81 13.10
C GLY B 338 1.04 -25.49 13.66
N ALA B 339 1.68 -24.41 13.17
CA ALA B 339 2.96 -24.00 13.72
C ALA B 339 2.83 -23.60 15.18
N LEU B 340 1.71 -22.96 15.54
CA LEU B 340 1.46 -22.65 16.94
C LEU B 340 1.29 -23.93 17.77
N ALA B 341 0.53 -24.89 17.25
CA ALA B 341 0.33 -26.15 17.97
C ALA B 341 1.64 -26.91 18.14
N ALA B 342 2.54 -26.82 17.15
CA ALA B 342 3.85 -27.46 17.29
C ALA B 342 4.66 -26.82 18.40
N ALA B 343 4.67 -25.49 18.46
CA ALA B 343 5.40 -24.80 19.53
C ALA B 343 4.78 -25.09 20.90
N VAL B 344 3.46 -25.12 20.98
CA VAL B 344 2.80 -25.43 22.25
C VAL B 344 3.15 -26.85 22.70
N SER B 345 3.00 -27.82 21.79
CA SER B 345 3.22 -29.21 22.17
C SER B 345 4.69 -29.47 22.52
N ILE B 346 5.61 -28.84 21.80
CA ILE B 346 7.03 -29.02 22.10
C ILE B 346 7.39 -28.42 23.45
N ARG B 347 6.90 -27.21 23.71
CA ARG B 347 7.19 -26.56 25.00
C ARG B 347 6.58 -27.34 26.16
N ALA B 348 5.36 -27.85 25.97
CA ALA B 348 4.75 -28.70 26.99
C ALA B 348 5.60 -29.94 27.26
N SER B 349 6.08 -30.57 26.20
CA SER B 349 6.95 -31.74 26.35
C SER B 349 8.29 -31.37 26.98
N MET B 350 8.84 -30.21 26.63
CA MET B 350 10.17 -29.84 27.10
C MET B 350 10.20 -29.69 28.62
N LYS B 351 9.22 -29.01 29.19
CA LYS B 351 9.25 -28.66 30.61
C LYS B 351 8.31 -29.52 31.46
N GLY B 352 7.76 -30.58 30.88
CA GLY B 352 7.04 -31.57 31.67
C GLY B 352 5.59 -31.28 31.96
N ASP B 353 4.92 -30.47 31.14
CA ASP B 353 3.48 -30.29 31.29
C ASP B 353 2.74 -31.60 31.05
N CYS B 354 3.27 -32.44 30.17
CA CYS B 354 2.71 -33.76 29.91
C CYS B 354 3.79 -34.60 29.23
N SER B 355 3.50 -35.88 29.05
CA SER B 355 4.42 -36.76 28.36
C SER B 355 4.52 -36.39 26.88
N GLU B 356 5.60 -36.84 26.24
CA GLU B 356 5.79 -36.56 24.82
C GLU B 356 4.67 -37.16 23.98
N TYR B 357 4.25 -38.39 24.28
CA TYR B 357 3.17 -39.01 23.53
C TYR B 357 1.85 -38.26 23.73
N GLU B 358 1.65 -37.66 24.91
CA GLU B 358 0.45 -36.86 25.11
C GLU B 358 0.51 -35.57 24.33
N ALA B 359 1.70 -34.96 24.24
CA ALA B 359 1.84 -33.70 23.50
C ALA B 359 1.85 -33.95 22.00
N SER B 360 2.57 -34.97 21.55
CA SER B 360 2.63 -35.28 20.12
C SER B 360 1.25 -35.64 19.57
N ASN B 361 0.46 -36.39 20.35
CA ASN B 361 -0.90 -36.69 19.93
C ASN B 361 -1.77 -35.44 19.92
N TRP B 362 -1.55 -34.53 20.86
CA TRP B 362 -2.36 -33.32 20.92
C TRP B 362 -2.13 -32.44 19.70
N HIS B 363 -0.87 -32.27 19.31
CA HIS B 363 -0.56 -31.53 18.09
C HIS B 363 -1.22 -32.18 16.87
N ALA B 364 -1.09 -33.50 16.74
CA ALA B 364 -1.62 -34.19 15.57
C ALA B 364 -3.13 -34.04 15.46
N ARG B 365 -3.84 -34.01 16.58
CA ARG B 365 -5.29 -33.76 16.53
C ARG B 365 -5.59 -32.35 16.05
N LYS B 366 -4.86 -31.36 16.56
CA LYS B 366 -5.15 -29.97 16.18
C LYS B 366 -4.87 -29.74 14.70
N VAL B 367 -3.92 -30.47 14.13
CA VAL B 367 -3.73 -30.44 12.68
C VAL B 367 -4.86 -31.19 11.97
N ASP B 368 -5.27 -32.34 12.52
CA ASP B 368 -6.27 -33.17 11.86
C ASP B 368 -7.65 -32.53 11.90
N GLU B 369 -8.09 -32.05 13.07
CA GLU B 369 -9.43 -31.49 13.16
C GLU B 369 -9.53 -30.15 12.44
N GLY B 370 -8.46 -29.35 12.45
CA GLY B 370 -8.46 -28.13 11.66
C GLY B 370 -8.55 -28.40 10.18
N TYR B 371 -7.84 -29.43 9.71
CA TYR B 371 -7.94 -29.82 8.30
C TYR B 371 -9.33 -30.36 7.98
N THR B 372 -9.91 -31.13 8.91
CA THR B 372 -11.23 -31.71 8.67
C THR B 372 -12.30 -30.62 8.56
N LEU B 373 -12.15 -29.53 9.32
CA LEU B 373 -13.13 -28.45 9.27
C LEU B 373 -13.20 -27.83 7.88
N PHE B 374 -12.05 -27.44 7.33
CA PHE B 374 -12.05 -26.88 5.98
C PHE B 374 -12.40 -27.93 4.94
N LEU B 375 -12.08 -29.20 5.20
CA LEU B 375 -12.38 -30.26 4.24
C LEU B 375 -13.87 -30.33 3.95
N LEU B 376 -14.69 -30.51 4.99
CA LEU B 376 -16.13 -30.66 4.77
C LEU B 376 -16.76 -29.36 4.27
N VAL B 377 -16.19 -28.21 4.62
CA VAL B 377 -16.72 -26.93 4.15
C VAL B 377 -16.37 -26.71 2.68
N VAL B 378 -15.10 -26.92 2.32
CA VAL B 378 -14.70 -26.81 0.91
C VAL B 378 -15.43 -27.84 0.06
N MET B 379 -15.59 -29.06 0.60
CA MET B 379 -16.28 -30.12 -0.14
C MET B 379 -17.73 -29.73 -0.44
N ALA B 380 -18.40 -29.10 0.53
CA ALA B 380 -19.78 -28.68 0.32
C ALA B 380 -19.86 -27.62 -0.78
N ALA B 381 -18.90 -26.70 -0.81
CA ALA B 381 -18.89 -25.70 -1.87
C ALA B 381 -18.55 -26.33 -3.21
N LEU B 382 -17.57 -27.23 -3.24
CA LEU B 382 -17.19 -27.89 -4.49
C LEU B 382 -18.30 -28.81 -5.00
N LYS B 383 -19.07 -29.40 -4.08
CA LYS B 383 -20.24 -30.17 -4.52
C LYS B 383 -21.28 -29.24 -5.14
N GLN B 384 -21.50 -28.07 -4.54
CA GLN B 384 -22.39 -27.09 -5.14
C GLN B 384 -21.84 -26.59 -6.48
N ILE B 385 -20.52 -26.50 -6.61
CA ILE B 385 -19.93 -26.06 -7.87
C ILE B 385 -20.04 -27.16 -8.92
N ARG B 386 -19.95 -28.43 -8.50
CA ARG B 386 -20.07 -29.52 -9.46
C ARG B 386 -21.51 -29.70 -9.90
N MET B 387 -22.48 -29.46 -9.02
CA MET B 387 -23.86 -29.28 -9.42
C MET B 387 -24.04 -27.85 -9.90
N GLN B 388 -25.26 -27.51 -10.31
CA GLN B 388 -25.58 -26.14 -10.69
C GLN B 388 -27.05 -25.84 -10.43
N GLU B 389 -27.92 -26.77 -10.85
CA GLU B 389 -29.36 -26.62 -10.72
C GLU B 389 -29.93 -27.31 -9.50
N GLU B 390 -29.14 -28.10 -8.79
CA GLU B 390 -29.63 -28.89 -7.66
C GLU B 390 -29.45 -28.10 -6.36
N PRO B 391 -30.40 -28.17 -5.42
CA PRO B 391 -30.28 -27.32 -4.22
C PRO B 391 -29.29 -27.85 -3.18
N VAL B 392 -28.00 -27.77 -3.52
CA VAL B 392 -26.98 -27.97 -2.51
C VAL B 392 -26.98 -26.75 -1.60
N LEU B 393 -26.59 -26.94 -0.34
CA LEU B 393 -26.62 -25.89 0.68
C LEU B 393 -28.04 -25.40 0.98
N SER B 394 -29.05 -26.06 0.41
CA SER B 394 -30.47 -25.75 0.63
C SER B 394 -30.81 -24.34 0.12
N ASP B 395 -30.59 -24.15 -1.19
CA ASP B 395 -30.84 -22.86 -1.84
C ASP B 395 -32.02 -22.90 -2.80
N ILE B 396 -32.98 -23.81 -2.60
CA ILE B 396 -34.07 -23.97 -3.57
C ILE B 396 -34.86 -22.68 -3.75
N ASP B 397 -35.34 -22.09 -2.65
CA ASP B 397 -36.31 -21.01 -2.73
C ASP B 397 -35.68 -19.63 -2.71
N ASP B 398 -34.37 -19.53 -2.54
CA ASP B 398 -33.68 -18.25 -2.52
C ASP B 398 -32.88 -18.03 -3.80
N ASP B 399 -32.61 -16.76 -4.08
CA ASP B 399 -31.78 -16.35 -5.21
C ASP B 399 -30.32 -16.15 -4.83
N GLY B 400 -29.96 -16.43 -3.57
CA GLY B 400 -28.56 -16.39 -3.18
C GLY B 400 -28.20 -17.42 -2.13
N PHE B 401 -26.95 -17.34 -1.66
CA PHE B 401 -26.41 -18.27 -0.67
C PHE B 401 -26.23 -17.60 0.70
N ASP B 402 -26.80 -16.41 0.90
CA ASP B 402 -26.50 -15.63 2.10
C ASP B 402 -26.87 -16.38 3.38
N ARG B 403 -27.89 -17.23 3.34
CA ARG B 403 -28.22 -18.02 4.52
C ARG B 403 -27.15 -19.07 4.80
N ALA B 404 -26.58 -19.66 3.74
CA ALA B 404 -25.54 -20.67 3.91
C ALA B 404 -24.28 -20.07 4.51
N PHE B 405 -23.85 -18.91 4.02
CA PHE B 405 -22.64 -18.27 4.55
C PHE B 405 -22.86 -17.64 5.92
N GLN B 406 -24.10 -17.52 6.39
CA GLN B 406 -24.33 -17.13 7.77
C GLN B 406 -24.01 -18.26 8.74
N PHE B 407 -24.18 -19.51 8.31
CA PHE B 407 -23.79 -20.64 9.13
C PHE B 407 -22.31 -20.97 8.97
N LEU B 408 -21.79 -20.91 7.73
CA LEU B 408 -20.40 -21.24 7.48
C LEU B 408 -19.44 -20.18 8.00
N LYS B 409 -19.95 -19.05 8.51
CA LYS B 409 -19.18 -17.90 8.99
C LYS B 409 -17.94 -18.28 9.78
N PRO B 410 -18.04 -19.05 10.88
CA PRO B 410 -16.85 -19.22 11.73
C PRO B 410 -15.77 -20.07 11.09
N VAL B 411 -16.14 -21.16 10.41
CA VAL B 411 -15.13 -22.02 9.80
C VAL B 411 -14.47 -21.31 8.62
N ILE B 412 -15.26 -20.64 7.78
CA ILE B 412 -14.70 -19.92 6.64
C ILE B 412 -13.75 -18.83 7.11
N GLN B 413 -13.99 -18.25 8.28
CA GLN B 413 -13.13 -17.20 8.82
C GLN B 413 -12.08 -17.75 9.78
N GLY B 414 -11.88 -19.06 9.82
CA GLY B 414 -10.71 -19.63 10.49
C GLY B 414 -10.89 -20.06 11.92
N SER B 415 -12.12 -20.24 12.40
CA SER B 415 -12.37 -20.66 13.77
C SER B 415 -12.65 -22.16 13.82
N GLY B 416 -12.85 -22.66 15.04
CA GLY B 416 -13.35 -24.01 15.24
C GLY B 416 -12.35 -25.05 15.70
N SER B 417 -11.06 -24.71 15.81
CA SER B 417 -10.10 -25.69 16.31
C SER B 417 -9.01 -25.01 17.12
N ALA B 418 -8.39 -23.98 16.55
CA ALA B 418 -7.39 -23.22 17.29
C ALA B 418 -8.07 -22.39 18.37
N GLU B 419 -7.59 -22.52 19.61
CA GLU B 419 -8.21 -21.79 20.72
C GLU B 419 -7.86 -20.30 20.67
N ILE B 420 -6.82 -19.92 19.95
CA ILE B 420 -6.43 -18.52 19.87
C ILE B 420 -7.43 -17.70 19.07
N VAL B 421 -8.27 -18.35 18.27
CA VAL B 421 -9.32 -17.64 17.51
C VAL B 421 -10.54 -17.63 18.41
N LYS B 422 -10.57 -16.66 19.32
CA LYS B 422 -11.59 -16.56 20.34
C LYS B 422 -12.93 -16.05 19.82
N ARG B 423 -12.95 -15.42 18.63
CA ARG B 423 -14.07 -14.58 18.21
C ARG B 423 -15.40 -15.30 18.31
N PHE B 424 -15.48 -16.51 17.76
CA PHE B 424 -16.74 -17.23 17.66
C PHE B 424 -16.84 -18.32 18.72
N THR B 425 -18.05 -18.47 19.27
CA THR B 425 -18.30 -19.51 20.26
C THR B 425 -18.31 -20.88 19.62
N LYS B 426 -17.98 -21.91 20.41
CA LYS B 426 -18.03 -23.28 19.93
C LYS B 426 -19.45 -23.73 19.61
N LYS B 427 -20.46 -23.03 20.11
CA LYS B 427 -21.84 -23.29 19.70
C LYS B 427 -22.03 -22.94 18.22
N GLU B 428 -21.62 -21.73 17.83
CA GLU B 428 -21.75 -21.31 16.43
C GLU B 428 -20.94 -22.21 15.51
N VAL B 429 -19.75 -22.62 15.96
CA VAL B 429 -18.92 -23.52 15.15
C VAL B 429 -19.63 -24.84 14.93
N SER B 430 -20.30 -25.35 15.97
CA SER B 430 -21.03 -26.62 15.83
C SER B 430 -22.12 -26.51 14.78
N GLU B 431 -22.79 -25.35 14.72
CA GLU B 431 -23.82 -25.15 13.71
C GLU B 431 -23.22 -25.00 12.31
N ALA B 432 -21.97 -24.50 12.24
CA ALA B 432 -21.28 -24.46 10.95
C ALA B 432 -20.98 -25.88 10.46
N ILE B 433 -20.59 -26.77 11.37
CA ILE B 433 -20.31 -28.14 10.99
C ILE B 433 -21.59 -28.88 10.62
N ASP B 434 -22.62 -28.75 11.47
CA ASP B 434 -23.89 -29.43 11.21
C ASP B 434 -24.51 -28.97 9.90
N PHE B 435 -24.47 -27.67 9.62
CA PHE B 435 -25.05 -27.16 8.38
C PHE B 435 -24.33 -27.73 7.16
N ALA B 436 -23.00 -27.84 7.23
CA ALA B 436 -22.23 -28.27 6.08
C ALA B 436 -22.37 -29.77 5.82
N VAL B 437 -22.37 -30.57 6.88
CA VAL B 437 -22.50 -32.02 6.69
C VAL B 437 -23.88 -32.36 6.12
N LEU B 438 -24.91 -31.62 6.54
CA LEU B 438 -26.24 -31.79 5.97
C LEU B 438 -26.29 -31.33 4.52
N ALA B 439 -25.41 -30.41 4.11
CA ALA B 439 -25.34 -30.01 2.72
C ALA B 439 -24.68 -31.10 1.88
N LEU B 440 -23.68 -31.79 2.44
CA LEU B 440 -23.11 -32.95 1.78
C LEU B 440 -24.04 -34.15 1.83
N ASP B 441 -25.00 -34.16 2.75
CA ASP B 441 -25.93 -35.26 2.91
C ASP B 441 -26.87 -35.36 1.71
N GLY B 505 -8.65 -33.98 29.37
CA GLY B 505 -8.25 -33.23 28.19
C GLY B 505 -7.19 -32.20 28.48
N PHE B 506 -6.70 -31.56 27.42
CA PHE B 506 -5.64 -30.57 27.53
C PHE B 506 -6.11 -29.22 26.99
N MET B 507 -5.56 -28.14 27.54
CA MET B 507 -5.92 -26.80 27.15
C MET B 507 -4.65 -25.97 26.97
N PRO B 508 -4.50 -25.27 25.85
CA PRO B 508 -3.28 -24.46 25.64
C PRO B 508 -3.14 -23.37 26.68
N ARG B 509 -1.88 -23.07 27.01
CA ARG B 509 -1.52 -21.92 27.85
C ARG B 509 -0.79 -20.92 26.96
N LEU B 510 -1.56 -20.13 26.22
CA LEU B 510 -1.02 -19.21 25.23
C LEU B 510 -0.53 -17.90 25.88
N GLU B 511 0.42 -18.05 26.80
CA GLU B 511 1.06 -16.92 27.46
C GLU B 511 2.53 -16.86 27.05
N HIS B 512 2.97 -15.69 26.59
CA HIS B 512 4.36 -15.51 26.20
C HIS B 512 5.27 -15.72 27.40
N GLY B 513 6.26 -16.61 27.24
CA GLY B 513 7.17 -16.96 28.31
C GLY B 513 6.71 -18.11 29.18
N HIS B 514 5.47 -18.57 29.02
CA HIS B 514 4.97 -19.70 29.79
C HIS B 514 4.20 -20.68 28.90
N LEU B 515 4.54 -20.72 27.62
CA LEU B 515 3.79 -21.52 26.66
C LEU B 515 3.83 -23.00 27.03
N GLY B 516 2.70 -23.67 26.82
CA GLY B 516 2.58 -25.09 27.14
C GLY B 516 1.12 -25.50 27.19
N LEU B 517 0.87 -26.57 27.95
CA LEU B 517 -0.45 -27.17 28.06
C LEU B 517 -0.85 -27.32 29.52
N ASN B 518 -2.12 -27.06 29.80
CA ASN B 518 -2.73 -27.41 31.08
C ASN B 518 -3.61 -28.63 30.90
N ARG B 519 -3.89 -29.30 32.01
CA ARG B 519 -4.70 -30.51 31.98
C ARG B 519 -6.17 -30.22 32.29
#